data_7WB0
#
_entry.id   7WB0
#
_cell.length_a   1.00
_cell.length_b   1.00
_cell.length_c   1.00
_cell.angle_alpha   90.00
_cell.angle_beta   90.00
_cell.angle_gamma   90.00
#
_symmetry.space_group_name_H-M   'P 1'
#
loop_
_entity.id
_entity.type
_entity.pdbx_description
1 polymer TS-DNA
2 polymer NTS-DNA
3 polymer 'RNA (115-MER)'
4 polymer dPlmCasX
#
loop_
_entity_poly.entity_id
_entity_poly.type
_entity_poly.pdbx_seq_one_letter_code
_entity_poly.pdbx_strand_id
1 'polydeoxyribonucleotide'
;(DA)(DT)(DC)(DG)(DT)(DT)(DA)(DT)(DA)(DC)(DT)(DT)(DT)(DG)(DA)(DT)(DT)(DT)(DT)(DC)
(DT)(DG)(DC)(DT)(DG)(DC)(DA)(DG)(DG)(DA)(DT)(DG)(DA)(DA)(DA)(DT)(DC)(DC)(DC)(DG)
;
B
2 'polydeoxyribonucleotide'
;(DC)(DG)(DG)(DG)(DA)(DT)(DT)(DT)(DC)(DA)(DT)(DC)(DC)(DT)(DG)(DC)(DA)(DG)(DC)(DA)
(DT)(DC)(DC)(DC)(DC)(DG)(DA)(DC)(DC)(DC)(DG)(DT)(DA)(DT)(DA)(DA)(DC)(DG)(DA)(DT)
;
C
3 'polyribonucleotide'
;GGCGCGUUUAUUCCAUUACUUUGGAGCCAGUCCCAGCGACUAUGUCGUAUGGACGAAGCGCUUAUUUAUCGGAGAGAAAC
CGAUAAGUAAAACGCAUCAAAGUCCUGCAGCAGAAAAUCAAA
;
D
4 'polypeptide(L)'
;MQEIKRINKIRRRLVKDSNTKKAGKTGPMKTLLVRVMTPDLRERLENLRKKPENIPQPISNTSRANLNKLLTDYTEMKKA
ILHVYWEEFQKDPVGLMSRVAQPAPKNIDQRKLIPVKDGNERLTSSGFACSQCCQPLYVYKLEQVNDKGKPHTNYFGRCN
VSEHERLILLSPHKPEANDELVTYSLGKFGQRALDFYSIHVTRESNHPVKPLEQIGGNSCASGPVGKALSDACMGAVASF
LTKYQDIILEHQKVIKKNEKRLANLKDIASANGLAFPKITLPPQPHTKEGIEAYNNVVAQIVIWVNLNLWQKLKIGRDEA
KPLQRLKGFPSFPLVERQANEVDWWDMVCNVKKLINEKKEDGKVFWQNLAGYKRQEALLPYLSSEEDRKKGKKFARYQFG
DLLLHLEKKHGEDWGKVYDEAWERIDKKVEGLSKHIKLEEERRSEDAQSKAALTDWLRAKASFVIEGLKEADKDEFCRCE
LKLQKWYGDLRGKPFAIEAENSILDISGFSKQYNCAFIWQKDGVKKLNLYLIINYFKGGKLRFKKIKPEAFEANRFYTVI
NKKSGEIVPMEVNFNFDDPNLIILPLAFGKRQGREFIWNDLLSLETGSLKLANGRVIEKTLYNRRTRQDEPALFVALTFE
RREVLDSSNIKPMNLIGIARGENIPAVIALTDPEGCPLSRFKDSLGNPTHILRIGESYKEKQRTIQAAKEVEQRRAGGYS
RKYASKAKNLADDMVRNTARDLLYYAVTQDAMLIFANLSRGFGRQGKRTFMAERQYTRMEDWLTAKLAYEGLPSKTYLSK
TLAQYTSKTCSNCGFTITSADYDRVLEKLKKTATGWMTTINGKELKVEGQITYYNRYKRQNVVKDLSVELDRLSEESVNN
DISSWTKGRSGEALSLLKKRFSHRPVQEKFVCLNCGFETHAAEQAALNIARSWLFLRSQEYKKYQTNKTTGNTDKRAFVE
TWQSFYRKKLKEVWKPAV
;
A
#
# COMPACT_ATOMS: atom_id res chain seq x y z
N ILE D 4 -4.41 -12.71 27.91
CA ILE D 4 -5.57 -12.21 27.19
C ILE D 4 -5.07 -11.28 26.08
N LYS D 5 -5.73 -11.31 24.92
CA LYS D 5 -5.20 -10.65 23.72
C LYS D 5 -6.07 -9.45 23.38
N ARG D 6 -5.58 -8.26 23.71
CA ARG D 6 -6.16 -6.99 23.29
C ARG D 6 -5.06 -6.07 22.80
N ILE D 7 -5.31 -5.37 21.69
CA ILE D 7 -4.31 -4.44 21.18
C ILE D 7 -4.09 -3.30 22.18
N ASN D 8 -5.15 -2.86 22.85
CA ASN D 8 -5.02 -1.76 23.80
C ASN D 8 -4.18 -2.16 25.00
N LYS D 9 -4.28 -3.41 25.44
CA LYS D 9 -3.38 -3.88 26.50
C LYS D 9 -1.94 -3.85 26.04
N ILE D 10 -1.68 -4.23 24.79
CA ILE D 10 -0.33 -4.17 24.24
C ILE D 10 0.17 -2.74 24.20
N ARG D 11 -0.69 -1.81 23.78
CA ARG D 11 -0.29 -0.40 23.73
C ARG D 11 -0.01 0.14 25.13
N ARG D 12 -0.82 -0.24 26.11
CA ARG D 12 -0.58 0.17 27.48
C ARG D 12 0.74 -0.40 28.00
N ARG D 13 1.03 -1.66 27.67
CA ARG D 13 2.31 -2.25 28.05
C ARG D 13 3.47 -1.52 27.42
N LEU D 14 3.34 -1.14 26.15
CA LEU D 14 4.40 -0.40 25.47
C LEU D 14 4.61 0.97 26.11
N VAL D 15 3.52 1.68 26.41
CA VAL D 15 3.63 3.00 27.00
C VAL D 15 4.25 2.92 28.39
N LYS D 16 3.79 1.97 29.20
CA LYS D 16 4.28 1.84 30.57
C LYS D 16 5.75 1.45 30.62
N ASP D 17 6.27 0.79 29.59
CA ASP D 17 7.62 0.24 29.60
C ASP D 17 8.66 1.19 29.01
N SER D 18 8.26 2.35 28.52
CA SER D 18 9.20 3.25 27.85
C SER D 18 8.88 4.68 28.24
N ASN D 19 9.89 5.54 28.10
CA ASN D 19 9.73 6.96 28.38
C ASN D 19 9.07 7.67 27.19
N THR D 20 8.66 8.91 27.42
CA THR D 20 7.98 9.71 26.42
C THR D 20 8.84 10.90 26.03
N LYS D 21 8.67 11.34 24.78
CA LYS D 21 9.37 12.52 24.28
C LYS D 21 8.44 13.27 23.34
N LYS D 22 8.73 14.54 23.14
CA LYS D 22 7.94 15.35 22.23
C LYS D 22 8.18 14.92 20.79
N ALA D 23 7.13 14.98 19.98
CA ALA D 23 7.24 14.60 18.58
C ALA D 23 8.04 15.63 17.80
N GLY D 24 8.34 15.29 16.55
CA GLY D 24 9.09 16.17 15.68
C GLY D 24 8.26 17.30 15.12
N LYS D 25 8.60 17.73 13.91
CA LYS D 25 7.84 18.81 13.27
C LYS D 25 6.40 18.37 12.99
N THR D 26 6.22 17.14 12.51
CA THR D 26 4.90 16.57 12.31
C THR D 26 4.87 15.18 12.93
N GLY D 27 3.88 14.92 13.78
CA GLY D 27 3.77 13.66 14.46
C GLY D 27 2.79 12.71 13.77
N PRO D 28 2.62 11.53 14.35
CA PRO D 28 1.64 10.59 13.78
C PRO D 28 0.24 11.16 13.82
N MET D 29 -0.55 10.78 12.82
CA MET D 29 -1.87 11.37 12.63
C MET D 29 -2.92 10.27 12.48
N LYS D 30 -4.06 10.46 13.14
CA LYS D 30 -5.13 9.48 13.13
C LYS D 30 -6.45 10.23 12.96
N THR D 31 -7.45 9.54 12.40
CA THR D 31 -8.69 10.18 11.97
C THR D 31 -9.88 9.55 12.71
N LEU D 32 -10.82 10.40 13.11
CA LEU D 32 -12.07 9.96 13.72
C LEU D 32 -13.23 10.22 12.77
N LEU D 33 -13.99 9.18 12.47
CA LEU D 33 -15.14 9.28 11.58
C LEU D 33 -16.39 8.90 12.37
N VAL D 34 -17.23 9.90 12.66
CA VAL D 34 -18.44 9.70 13.45
C VAL D 34 -19.64 10.17 12.62
N ARG D 35 -20.83 10.10 13.18
CA ARG D 35 -22.05 10.47 12.49
C ARG D 35 -22.76 11.60 13.22
N VAL D 36 -23.40 12.47 12.44
CA VAL D 36 -24.15 13.59 12.98
C VAL D 36 -25.46 13.07 13.56
N MET D 37 -25.82 13.52 14.75
CA MET D 37 -27.04 13.07 15.41
C MET D 37 -28.24 13.55 14.61
N THR D 38 -28.87 12.64 13.88
CA THR D 38 -30.02 12.89 13.04
C THR D 38 -31.27 12.26 13.64
N PRO D 39 -32.46 12.65 13.17
CA PRO D 39 -33.69 12.11 13.78
C PRO D 39 -33.79 10.59 13.75
N ASP D 40 -33.26 9.94 12.72
CA ASP D 40 -33.35 8.47 12.67
C ASP D 40 -32.60 7.83 13.82
N LEU D 41 -31.43 8.36 14.16
CA LEU D 41 -30.71 7.87 15.34
C LEU D 41 -31.51 8.14 16.61
N ARG D 42 -32.24 9.25 16.66
CA ARG D 42 -33.09 9.53 17.81
C ARG D 42 -34.18 8.48 17.95
N GLU D 43 -34.84 8.11 16.85
CA GLU D 43 -35.86 7.06 16.91
C GLU D 43 -35.23 5.73 17.31
N ARG D 44 -34.07 5.41 16.74
CA ARG D 44 -33.40 4.17 17.10
C ARG D 44 -33.09 4.12 18.59
N LEU D 45 -32.63 5.24 19.16
CA LEU D 45 -32.37 5.30 20.58
C LEU D 45 -33.64 5.24 21.42
N GLU D 46 -34.75 5.74 20.88
CA GLU D 46 -36.03 5.68 21.58
C GLU D 46 -36.70 4.32 21.53
N ASN D 47 -36.31 3.46 20.59
CA ASN D 47 -36.97 2.17 20.41
C ASN D 47 -36.31 1.03 21.18
N LEU D 48 -35.33 1.31 22.04
CA LEU D 48 -34.73 0.26 22.84
C LEU D 48 -35.72 -0.29 23.86
N ARG D 49 -35.49 -1.55 24.26
CA ARG D 49 -36.30 -2.15 25.32
C ARG D 49 -36.14 -1.39 26.63
N LYS D 50 -34.91 -1.02 26.98
CA LYS D 50 -34.61 -0.24 28.17
C LYS D 50 -34.27 1.17 27.72
N LYS D 51 -35.27 2.05 27.76
CA LYS D 51 -35.09 3.40 27.24
C LYS D 51 -34.08 4.18 28.09
N PRO D 52 -33.22 4.97 27.45
CA PRO D 52 -32.25 5.76 28.23
C PRO D 52 -32.92 6.92 28.95
N GLU D 53 -32.22 7.44 29.95
CA GLU D 53 -32.78 8.51 30.77
C GLU D 53 -32.79 9.84 30.02
N ASN D 54 -31.71 10.16 29.30
CA ASN D 54 -31.56 11.44 28.64
C ASN D 54 -31.17 11.20 27.19
N ILE D 55 -32.09 11.46 26.27
CA ILE D 55 -31.84 11.33 24.84
C ILE D 55 -31.41 12.69 24.30
N PRO D 56 -30.31 12.76 23.54
CA PRO D 56 -29.86 14.05 23.03
C PRO D 56 -30.79 14.59 21.95
N GLN D 57 -30.78 15.92 21.82
CA GLN D 57 -31.55 16.59 20.79
C GLN D 57 -30.91 16.40 19.42
N PRO D 58 -31.70 16.33 18.36
CA PRO D 58 -31.14 16.19 17.01
C PRO D 58 -30.70 17.55 16.46
N ILE D 59 -30.15 17.52 15.25
CA ILE D 59 -29.72 18.74 14.58
C ILE D 59 -30.95 19.53 14.13
N SER D 60 -30.91 20.84 14.35
CA SER D 60 -32.03 21.70 14.02
C SER D 60 -32.19 21.85 12.50
N ASN D 61 -33.36 22.32 12.09
CA ASN D 61 -33.65 22.48 10.67
C ASN D 61 -32.76 23.54 10.03
N THR D 62 -32.52 24.64 10.74
CA THR D 62 -31.70 25.72 10.20
C THR D 62 -30.29 25.24 9.88
N SER D 63 -29.71 24.45 10.77
CA SER D 63 -28.37 23.91 10.52
C SER D 63 -28.37 23.03 9.28
N ARG D 64 -29.39 22.20 9.11
CA ARG D 64 -29.44 21.31 7.96
C ARG D 64 -29.57 22.10 6.66
N ALA D 65 -30.44 23.11 6.64
CA ALA D 65 -30.59 23.93 5.44
C ALA D 65 -29.31 24.66 5.10
N ASN D 66 -28.65 25.25 6.12
CA ASN D 66 -27.39 25.95 5.88
C ASN D 66 -26.32 25.00 5.38
N LEU D 67 -26.26 23.79 5.94
CA LEU D 67 -25.28 22.82 5.50
C LEU D 67 -25.51 22.41 4.04
N ASN D 68 -26.77 22.20 3.66
CA ASN D 68 -27.07 21.86 2.27
C ASN D 68 -26.66 22.98 1.32
N LYS D 69 -27.00 24.22 1.69
CA LYS D 69 -26.64 25.36 0.85
C LYS D 69 -25.12 25.47 0.71
N LEU D 70 -24.40 25.31 1.82
CA LEU D 70 -22.94 25.41 1.78
C LEU D 70 -22.34 24.31 0.92
N LEU D 71 -22.85 23.09 1.04
CA LEU D 71 -22.33 21.99 0.23
C LEU D 71 -22.53 22.25 -1.25
N THR D 72 -23.74 22.68 -1.63
CA THR D 72 -24.00 22.97 -3.04
C THR D 72 -23.08 24.06 -3.56
N ASP D 73 -22.95 25.15 -2.80
CA ASP D 73 -22.10 26.26 -3.25
C ASP D 73 -20.64 25.83 -3.37
N TYR D 74 -20.15 25.05 -2.40
CA TYR D 74 -18.77 24.60 -2.43
C TYR D 74 -18.50 23.72 -3.65
N THR D 75 -19.41 22.79 -3.94
CA THR D 75 -19.23 21.93 -5.11
C THR D 75 -19.24 22.74 -6.40
N GLU D 76 -20.16 23.71 -6.52
CA GLU D 76 -20.21 24.53 -7.72
C GLU D 76 -18.94 25.35 -7.89
N MET D 77 -18.42 25.92 -6.81
CA MET D 77 -17.19 26.70 -6.89
C MET D 77 -16.02 25.83 -7.32
N LYS D 78 -15.91 24.62 -6.76
CA LYS D 78 -14.84 23.72 -7.16
C LYS D 78 -14.94 23.39 -8.65
N LYS D 79 -16.15 23.09 -9.13
CA LYS D 79 -16.31 22.79 -10.55
C LYS D 79 -15.91 23.96 -11.43
N ALA D 80 -16.31 25.18 -11.05
CA ALA D 80 -16.00 26.35 -11.87
C ALA D 80 -14.49 26.58 -11.95
N ILE D 81 -13.80 26.51 -10.80
CA ILE D 81 -12.37 26.73 -10.80
C ILE D 81 -11.65 25.66 -11.62
N LEU D 82 -12.07 24.40 -11.46
CA LEU D 82 -11.43 23.33 -12.20
C LEU D 82 -11.65 23.49 -13.70
N HIS D 83 -12.84 23.93 -14.10
CA HIS D 83 -13.09 24.19 -15.53
C HIS D 83 -12.17 25.29 -16.06
N VAL D 84 -12.03 26.37 -15.30
CA VAL D 84 -11.17 27.47 -15.76
C VAL D 84 -9.73 27.00 -15.93
N TYR D 85 -9.22 26.26 -14.95
CA TYR D 85 -7.84 25.79 -15.07
C TYR D 85 -7.69 24.70 -16.12
N TRP D 86 -8.74 23.91 -16.39
CA TRP D 86 -8.69 22.97 -17.50
C TRP D 86 -8.54 23.69 -18.82
N GLU D 87 -9.32 24.76 -19.02
CA GLU D 87 -9.17 25.54 -20.25
C GLU D 87 -7.78 26.15 -20.35
N GLU D 88 -7.27 26.69 -19.24
CA GLU D 88 -5.95 27.30 -19.26
C GLU D 88 -4.87 26.27 -19.59
N PHE D 89 -4.98 25.06 -19.04
CA PHE D 89 -4.03 24.01 -19.37
C PHE D 89 -4.13 23.60 -20.84
N GLN D 90 -5.36 23.51 -21.35
CA GLN D 90 -5.54 23.13 -22.75
C GLN D 90 -4.92 24.15 -23.68
N LYS D 91 -5.02 25.44 -23.35
CA LYS D 91 -4.44 26.47 -24.22
C LYS D 91 -2.92 26.35 -24.30
N ASP D 92 -2.25 26.24 -23.17
CA ASP D 92 -0.80 26.19 -23.11
C ASP D 92 -0.36 25.35 -21.91
N PRO D 93 -0.02 24.08 -22.12
CA PRO D 93 0.44 23.23 -21.01
C PRO D 93 1.72 23.74 -20.35
N VAL D 94 2.62 24.31 -21.14
CA VAL D 94 3.93 24.72 -20.63
C VAL D 94 3.77 25.85 -19.60
N GLY D 95 2.89 26.80 -19.89
CA GLY D 95 2.71 27.92 -18.98
C GLY D 95 2.21 27.48 -17.61
N LEU D 96 1.17 26.64 -17.58
CA LEU D 96 0.66 26.14 -16.31
C LEU D 96 1.70 25.28 -15.61
N MET D 97 2.40 24.44 -16.39
CA MET D 97 3.44 23.58 -15.83
C MET D 97 4.52 24.38 -15.14
N SER D 98 4.93 25.52 -15.71
CA SER D 98 5.93 26.36 -15.06
C SER D 98 5.34 27.16 -13.91
N ARG D 99 4.07 27.56 -14.00
CA ARG D 99 3.47 28.36 -12.95
C ARG D 99 3.27 27.57 -11.66
N VAL D 100 2.76 26.34 -11.77
CA VAL D 100 2.48 25.55 -10.57
C VAL D 100 3.75 24.99 -9.94
N ALA D 101 4.91 25.16 -10.57
CA ALA D 101 6.15 24.63 -10.04
C ALA D 101 6.41 25.18 -8.63
N GLN D 102 6.77 24.29 -7.72
CA GLN D 102 6.94 24.67 -6.32
C GLN D 102 8.33 25.30 -6.12
N PRO D 103 8.40 26.54 -5.66
CA PRO D 103 9.71 27.17 -5.45
C PRO D 103 10.39 26.64 -4.19
N ALA D 104 11.70 26.88 -4.13
CA ALA D 104 12.47 26.47 -2.97
C ALA D 104 12.12 27.36 -1.77
N PRO D 105 12.37 26.89 -0.55
CA PRO D 105 12.09 27.73 0.62
C PRO D 105 12.91 29.01 0.62
N LYS D 106 12.36 30.08 1.21
CA LYS D 106 13.09 31.35 1.24
C LYS D 106 14.11 31.34 2.38
N ASN D 107 14.86 30.25 2.48
CA ASN D 107 16.01 30.16 3.37
C ASN D 107 17.21 29.47 2.73
N ILE D 108 17.10 29.03 1.48
CA ILE D 108 18.20 28.40 0.75
C ILE D 108 19.01 29.54 0.14
N ASP D 109 19.97 30.06 0.91
CA ASP D 109 20.78 31.18 0.48
C ASP D 109 22.26 30.80 0.50
N GLN D 110 22.56 29.52 0.27
CA GLN D 110 23.94 29.13 0.07
C GLN D 110 24.48 29.72 -1.22
N ARG D 111 25.77 30.01 -1.23
CA ARG D 111 26.38 30.75 -2.32
C ARG D 111 26.41 29.88 -3.57
N LYS D 112 25.65 30.29 -4.58
CA LYS D 112 25.70 29.63 -5.88
C LYS D 112 27.12 29.69 -6.45
N LEU D 113 27.60 28.55 -6.94
CA LEU D 113 28.99 28.41 -7.34
C LEU D 113 29.16 28.16 -8.84
N ILE D 114 28.36 27.28 -9.43
CA ILE D 114 28.57 26.90 -10.83
C ILE D 114 27.27 26.99 -11.62
N PRO D 115 27.22 27.83 -12.65
CA PRO D 115 26.07 27.82 -13.57
C PRO D 115 26.10 26.62 -14.51
N VAL D 116 25.17 26.59 -15.47
CA VAL D 116 25.20 25.56 -16.50
C VAL D 116 26.53 25.62 -17.26
N LYS D 117 27.01 24.45 -17.67
CA LYS D 117 28.31 24.36 -18.36
C LYS D 117 28.24 25.01 -19.74
N SER D 125 20.60 25.31 -20.31
CA SER D 125 20.28 26.63 -19.77
C SER D 125 18.84 27.01 -20.08
N SER D 126 18.28 26.39 -21.12
CA SER D 126 16.92 26.67 -21.57
C SER D 126 15.95 25.56 -21.19
N GLY D 127 16.11 24.97 -20.00
CA GLY D 127 15.22 23.88 -19.60
C GLY D 127 13.77 24.31 -19.52
N PHE D 128 13.50 25.44 -18.88
CA PHE D 128 12.14 25.95 -18.75
C PHE D 128 12.19 27.46 -18.88
N ALA D 129 11.07 28.12 -18.55
CA ALA D 129 11.00 29.57 -18.65
C ALA D 129 9.95 30.08 -17.68
N CYS D 130 10.27 31.18 -17.00
CA CYS D 130 9.30 31.83 -16.12
C CYS D 130 8.23 32.52 -16.95
N SER D 131 7.04 31.92 -16.98
CA SER D 131 5.97 32.44 -17.83
C SER D 131 5.43 33.79 -17.37
N GLN D 132 5.72 34.19 -16.13
CA GLN D 132 5.27 35.50 -15.66
C GLN D 132 5.92 36.62 -16.45
N CYS D 133 7.21 36.49 -16.75
CA CYS D 133 7.93 37.47 -17.56
C CYS D 133 8.30 36.95 -18.93
N CYS D 134 7.96 35.69 -19.24
CA CYS D 134 8.27 35.06 -20.52
C CYS D 134 9.77 35.14 -20.82
N GLN D 135 10.57 34.91 -19.78
CA GLN D 135 12.02 34.90 -19.92
C GLN D 135 12.56 33.50 -19.68
N PRO D 136 13.66 33.12 -20.34
CA PRO D 136 14.23 31.79 -20.13
C PRO D 136 14.66 31.59 -18.69
N LEU D 137 14.44 30.38 -18.19
CA LEU D 137 14.78 30.02 -16.82
C LEU D 137 16.13 29.33 -16.83
N TYR D 138 17.19 30.11 -16.60
CA TYR D 138 18.55 29.56 -16.67
C TYR D 138 18.81 28.60 -15.51
N VAL D 139 19.57 27.55 -15.80
CA VAL D 139 19.86 26.50 -14.83
C VAL D 139 21.12 26.86 -14.06
N TYR D 140 21.12 26.58 -12.76
CA TYR D 140 22.27 26.76 -11.91
C TYR D 140 22.46 25.52 -11.06
N LYS D 141 23.70 25.20 -10.73
CA LYS D 141 24.06 23.96 -10.08
C LYS D 141 24.55 24.20 -8.66
N LEU D 142 24.33 23.20 -7.80
CA LEU D 142 24.80 23.26 -6.41
C LEU D 142 25.02 21.83 -5.94
N GLU D 143 26.26 21.51 -5.58
CA GLU D 143 26.64 20.16 -5.17
C GLU D 143 26.88 20.14 -3.66
N GLN D 144 26.34 19.12 -3.00
CA GLN D 144 26.52 18.93 -1.56
C GLN D 144 26.69 17.45 -1.27
N VAL D 145 27.02 17.13 -0.03
CA VAL D 145 27.20 15.75 0.42
C VAL D 145 26.24 15.48 1.57
N ASN D 146 25.51 14.37 1.49
CA ASN D 146 24.51 14.04 2.48
C ASN D 146 25.17 13.52 3.76
N ASP D 147 24.34 13.05 4.69
CA ASP D 147 24.85 12.58 5.97
C ASP D 147 25.58 11.25 5.87
N LYS D 148 25.24 10.42 4.89
CA LYS D 148 25.90 9.13 4.72
C LYS D 148 27.06 9.17 3.73
N GLY D 149 27.39 10.34 3.19
CA GLY D 149 28.55 10.51 2.34
C GLY D 149 28.30 10.42 0.85
N LYS D 150 27.09 10.07 0.42
CA LYS D 150 26.79 10.00 -1.00
C LYS D 150 26.71 11.42 -1.58
N PRO D 151 27.52 11.76 -2.58
CA PRO D 151 27.43 13.11 -3.14
C PRO D 151 26.14 13.30 -3.91
N HIS D 152 25.51 14.45 -3.71
CA HIS D 152 24.26 14.78 -4.38
C HIS D 152 24.36 16.19 -4.96
N THR D 153 23.86 16.34 -6.18
CA THR D 153 23.92 17.61 -6.90
C THR D 153 22.52 18.17 -7.03
N ASN D 154 22.32 19.38 -6.55
CA ASN D 154 21.04 20.06 -6.60
C ASN D 154 21.02 21.07 -7.73
N TYR D 155 19.96 21.01 -8.54
CA TYR D 155 19.81 21.87 -9.70
C TYR D 155 18.68 22.85 -9.45
N PHE D 156 18.91 24.11 -9.77
CA PHE D 156 17.97 25.18 -9.48
C PHE D 156 17.77 26.05 -10.71
N GLY D 157 16.59 26.66 -10.80
CA GLY D 157 16.29 27.57 -11.89
C GLY D 157 16.09 28.98 -11.39
N ARG D 158 16.83 29.93 -11.96
CA ARG D 158 16.77 31.32 -11.55
C ARG D 158 16.53 32.21 -12.76
N CYS D 159 15.68 33.21 -12.59
CA CYS D 159 15.39 34.20 -13.62
C CYS D 159 16.05 35.53 -13.26
N ASN D 160 16.34 36.31 -14.29
CA ASN D 160 16.96 37.62 -14.11
C ASN D 160 16.01 38.67 -13.55
N VAL D 161 14.72 38.37 -13.48
CA VAL D 161 13.73 39.33 -12.97
C VAL D 161 13.79 39.34 -11.46
N SER D 162 13.82 40.55 -10.88
CA SER D 162 13.85 40.68 -9.42
C SER D 162 12.61 40.06 -8.78
N GLU D 163 11.44 40.27 -9.39
CA GLU D 163 10.23 39.65 -8.88
C GLU D 163 10.31 38.13 -8.94
N HIS D 164 11.04 37.60 -9.92
CA HIS D 164 11.14 36.16 -10.15
C HIS D 164 12.50 35.63 -9.74
N GLU D 165 13.13 36.28 -8.76
CA GLU D 165 14.43 35.85 -8.24
C GLU D 165 14.20 34.68 -7.30
N ARG D 166 13.71 33.58 -7.86
CA ARG D 166 13.35 32.38 -7.12
C ARG D 166 14.35 31.26 -7.40
N LEU D 167 14.13 30.12 -6.78
CA LEU D 167 15.03 28.97 -6.85
C LEU D 167 14.26 27.69 -7.14
N ILE D 168 13.42 27.73 -8.17
CA ILE D 168 12.59 26.58 -8.52
C ILE D 168 13.43 25.33 -8.65
N LEU D 169 12.98 24.25 -8.01
CA LEU D 169 13.71 22.98 -8.08
C LEU D 169 13.65 22.40 -9.48
N LEU D 170 14.72 21.72 -9.86
CA LEU D 170 14.80 21.05 -11.16
C LEU D 170 15.38 19.67 -10.97
N SER D 171 14.91 18.72 -11.79
CA SER D 171 15.34 17.33 -11.71
C SER D 171 16.12 16.96 -12.96
N PRO D 172 17.39 16.57 -12.84
CA PRO D 172 18.18 16.23 -14.02
C PRO D 172 17.71 14.94 -14.67
N HIS D 173 17.89 14.86 -15.99
CA HIS D 173 17.58 13.66 -16.75
C HIS D 173 18.66 13.46 -17.81
N LYS D 174 18.87 12.20 -18.16
CA LYS D 174 19.93 11.83 -19.11
C LYS D 174 19.47 11.98 -20.55
N THR D 183 16.38 18.44 -21.37
CA THR D 183 16.64 17.21 -20.65
C THR D 183 16.46 17.40 -19.15
N TYR D 184 15.60 18.35 -18.77
CA TYR D 184 15.33 18.66 -17.38
C TYR D 184 13.84 18.56 -17.11
N SER D 185 13.52 18.22 -15.86
CA SER D 185 12.16 18.14 -15.37
C SER D 185 12.05 18.91 -14.06
N LEU D 186 10.83 19.26 -13.68
CA LEU D 186 10.62 20.13 -12.52
C LEU D 186 10.88 19.38 -11.22
N GLY D 187 10.10 18.32 -10.96
CA GLY D 187 10.32 17.45 -9.82
C GLY D 187 9.33 17.63 -8.69
N LYS D 188 8.63 18.76 -8.65
CA LYS D 188 7.69 19.00 -7.57
C LYS D 188 6.59 19.95 -8.03
N PHE D 189 5.37 19.68 -7.56
CA PHE D 189 4.21 20.52 -7.84
C PHE D 189 3.46 20.73 -6.53
N GLY D 190 3.61 21.90 -5.94
CA GLY D 190 2.95 22.19 -4.68
C GLY D 190 1.58 22.81 -4.85
N GLN D 191 0.76 22.73 -3.80
CA GLN D 191 -0.56 23.32 -3.83
C GLN D 191 -0.58 24.76 -3.37
N ARG D 192 0.56 25.29 -2.91
CA ARG D 192 0.67 26.67 -2.48
C ARG D 192 1.66 27.48 -3.30
N ALA D 193 2.24 26.87 -4.35
CA ALA D 193 3.16 27.61 -5.21
C ALA D 193 2.45 28.74 -5.94
N LEU D 194 1.27 28.46 -6.48
CA LEU D 194 0.48 29.47 -7.18
C LEU D 194 -0.31 30.29 -6.17
N ASP D 195 -0.38 31.60 -6.40
CA ASP D 195 -1.14 32.48 -5.53
C ASP D 195 -2.61 32.44 -5.96
N PHE D 196 -3.37 31.51 -5.38
CA PHE D 196 -4.76 31.34 -5.75
C PHE D 196 -5.63 32.48 -5.20
N TYR D 197 -5.29 32.98 -4.01
CA TYR D 197 -6.17 33.93 -3.34
C TYR D 197 -6.26 35.25 -4.10
N SER D 198 -5.11 35.81 -4.51
CA SER D 198 -5.09 37.13 -5.09
C SER D 198 -5.72 37.20 -6.48
N ILE D 199 -6.05 36.07 -7.09
CA ILE D 199 -6.54 36.03 -8.45
C ILE D 199 -8.06 35.94 -8.53
N HIS D 200 -8.66 35.03 -7.74
CA HIS D 200 -10.08 34.75 -7.87
C HIS D 200 -10.93 35.21 -6.68
N VAL D 201 -10.33 35.50 -5.54
CA VAL D 201 -11.06 35.76 -4.31
C VAL D 201 -11.25 37.24 -4.06
N THR D 202 -10.16 38.00 -3.98
CA THR D 202 -10.24 39.42 -3.65
C THR D 202 -10.94 40.19 -4.77
N ARG D 203 -11.64 41.26 -4.38
CA ARG D 203 -12.36 42.05 -5.38
C ARG D 203 -11.45 43.00 -6.15
N GLU D 204 -10.20 43.17 -5.73
CA GLU D 204 -9.29 44.05 -6.46
C GLU D 204 -8.87 43.44 -7.79
N SER D 205 -8.78 42.11 -7.87
CA SER D 205 -8.42 41.46 -9.12
C SER D 205 -9.52 41.61 -10.17
N ASN D 206 -9.11 41.59 -11.43
CA ASN D 206 -10.03 41.77 -12.55
C ASN D 206 -10.26 40.49 -13.34
N HIS D 207 -10.00 39.32 -12.74
CA HIS D 207 -10.24 38.06 -13.41
C HIS D 207 -11.72 37.91 -13.74
N PRO D 208 -12.08 37.47 -14.95
CA PRO D 208 -13.51 37.36 -15.29
C PRO D 208 -14.26 36.32 -14.48
N VAL D 209 -13.57 35.37 -13.86
CA VAL D 209 -14.19 34.29 -13.11
C VAL D 209 -13.93 34.51 -11.63
N LYS D 210 -14.99 34.81 -10.87
CA LYS D 210 -14.91 34.99 -9.43
C LYS D 210 -15.91 34.06 -8.77
N PRO D 211 -15.44 33.05 -8.05
CA PRO D 211 -16.36 32.05 -7.50
C PRO D 211 -17.30 32.60 -6.44
N LEU D 212 -16.76 33.29 -5.43
CA LEU D 212 -17.59 33.70 -4.30
C LEU D 212 -18.56 34.80 -4.70
N GLU D 213 -18.13 35.74 -5.56
CA GLU D 213 -18.97 36.88 -5.90
C GLU D 213 -20.13 36.48 -6.81
N GLN D 214 -19.97 35.44 -7.62
CA GLN D 214 -20.99 35.04 -8.58
C GLN D 214 -21.82 33.86 -8.09
N ILE D 215 -21.18 32.82 -7.56
CA ILE D 215 -21.90 31.62 -7.18
C ILE D 215 -22.58 31.78 -5.83
N GLY D 216 -21.83 32.26 -4.83
CA GLY D 216 -22.36 32.31 -3.48
C GLY D 216 -23.33 33.45 -3.22
N GLY D 217 -23.46 34.37 -4.16
CA GLY D 217 -24.36 35.51 -3.96
C GLY D 217 -23.94 36.43 -2.85
N ASN D 218 -22.64 36.61 -2.63
CA ASN D 218 -22.11 37.50 -1.61
C ASN D 218 -22.66 37.16 -0.23
N SER D 219 -22.75 35.86 0.07
CA SER D 219 -23.28 35.41 1.35
C SER D 219 -22.27 34.66 2.20
N CYS D 220 -21.15 34.21 1.62
CA CYS D 220 -20.17 33.42 2.33
C CYS D 220 -18.96 34.28 2.69
N ALA D 221 -18.39 34.01 3.87
CA ALA D 221 -17.19 34.72 4.30
C ALA D 221 -16.05 34.43 3.34
N SER D 222 -15.33 35.48 2.94
CA SER D 222 -14.29 35.34 1.93
C SER D 222 -13.13 34.48 2.45
N GLY D 223 -12.66 34.78 3.66
CA GLY D 223 -11.47 34.16 4.19
C GLY D 223 -11.49 32.64 4.20
N PRO D 224 -12.34 32.05 5.03
CA PRO D 224 -12.33 30.58 5.17
C PRO D 224 -12.68 29.84 3.89
N VAL D 225 -13.74 30.26 3.19
CA VAL D 225 -14.17 29.54 2.00
C VAL D 225 -13.10 29.63 0.92
N GLY D 226 -12.53 30.83 0.73
CA GLY D 226 -11.48 30.97 -0.27
C GLY D 226 -10.24 30.17 0.07
N LYS D 227 -9.83 30.19 1.34
CA LYS D 227 -8.63 29.46 1.73
C LYS D 227 -8.85 27.95 1.63
N ALA D 228 -10.09 27.50 1.78
CA ALA D 228 -10.40 26.09 1.57
C ALA D 228 -10.35 25.73 0.09
N LEU D 229 -10.97 26.56 -0.77
CA LEU D 229 -10.98 26.28 -2.19
C LEU D 229 -9.57 26.27 -2.77
N SER D 230 -8.70 27.12 -2.24
CA SER D 230 -7.31 27.15 -2.70
C SER D 230 -6.71 25.74 -2.68
N ASP D 231 -6.66 25.12 -1.50
CA ASP D 231 -6.12 23.78 -1.39
C ASP D 231 -6.95 22.78 -2.19
N ALA D 232 -8.29 22.88 -2.08
CA ALA D 232 -9.15 21.87 -2.69
C ALA D 232 -8.94 21.78 -4.21
N CYS D 233 -8.53 22.89 -4.84
CA CYS D 233 -8.32 22.85 -6.28
C CYS D 233 -6.84 22.63 -6.62
N MET D 234 -5.94 23.29 -5.89
CA MET D 234 -4.52 23.19 -6.24
C MET D 234 -3.96 21.80 -5.97
N GLY D 235 -4.48 21.08 -4.97
CA GLY D 235 -4.01 19.72 -4.76
C GLY D 235 -4.31 18.83 -5.95
N ALA D 236 -5.54 18.91 -6.47
CA ALA D 236 -5.90 18.12 -7.64
C ALA D 236 -5.08 18.52 -8.86
N VAL D 237 -4.91 19.83 -9.06
CA VAL D 237 -4.14 20.28 -10.23
C VAL D 237 -2.70 19.80 -10.14
N ALA D 238 -2.10 19.90 -8.95
CA ALA D 238 -0.72 19.45 -8.78
C ALA D 238 -0.59 17.95 -9.00
N SER D 239 -1.55 17.16 -8.50
CA SER D 239 -1.49 15.72 -8.71
C SER D 239 -1.58 15.39 -10.20
N PHE D 240 -2.51 16.04 -10.91
CA PHE D 240 -2.65 15.80 -12.34
C PHE D 240 -1.37 16.15 -13.09
N LEU D 241 -0.77 17.30 -12.76
CA LEU D 241 0.44 17.71 -13.44
C LEU D 241 1.59 16.77 -13.15
N THR D 242 1.71 16.29 -11.91
CA THR D 242 2.76 15.35 -11.57
C THR D 242 2.61 14.05 -12.36
N LYS D 243 1.38 13.53 -12.43
CA LYS D 243 1.15 12.31 -13.19
C LYS D 243 1.49 12.51 -14.67
N TYR D 244 1.08 13.65 -15.23
CA TYR D 244 1.39 13.96 -16.63
C TYR D 244 2.88 13.98 -16.87
N GLN D 245 3.62 14.71 -16.02
CA GLN D 245 5.06 14.82 -16.17
C GLN D 245 5.75 13.47 -16.05
N ASP D 246 5.31 12.63 -15.11
CA ASP D 246 5.91 11.31 -15.00
C ASP D 246 5.62 10.47 -16.23
N ILE D 247 4.38 10.46 -16.70
CA ILE D 247 3.99 9.53 -17.75
C ILE D 247 4.60 9.90 -19.11
N ILE D 248 4.91 11.18 -19.33
CA ILE D 248 5.52 11.57 -20.60
C ILE D 248 6.85 10.85 -20.86
N LEU D 249 7.69 10.68 -19.85
CA LEU D 249 8.97 10.01 -20.01
C LEU D 249 8.82 8.53 -20.33
N GLU D 250 7.89 7.84 -19.67
CA GLU D 250 7.62 6.45 -20.02
C GLU D 250 7.07 6.32 -21.43
N HIS D 251 6.31 7.31 -21.91
CA HIS D 251 5.92 7.26 -23.32
C HIS D 251 7.13 7.33 -24.24
N GLN D 252 8.11 8.20 -23.93
CA GLN D 252 9.33 8.26 -24.74
C GLN D 252 10.05 6.92 -24.73
N LYS D 253 10.20 6.31 -23.55
CA LYS D 253 10.88 5.03 -23.46
C LYS D 253 10.14 3.95 -24.25
N VAL D 254 8.81 3.94 -24.16
CA VAL D 254 8.02 2.93 -24.87
C VAL D 254 8.18 3.10 -26.37
N ILE D 255 8.16 4.35 -26.86
CA ILE D 255 8.35 4.59 -28.29
C ILE D 255 9.73 4.09 -28.73
N LYS D 256 10.76 4.40 -27.94
CA LYS D 256 12.11 4.00 -28.31
C LYS D 256 12.25 2.48 -28.35
N LYS D 257 11.66 1.78 -27.37
CA LYS D 257 11.74 0.33 -27.35
C LYS D 257 10.83 -0.31 -28.37
N ASN D 258 9.82 0.42 -28.86
CA ASN D 258 8.84 -0.16 -29.76
C ASN D 258 9.28 -0.04 -31.21
N GLU D 259 9.99 1.03 -31.57
CA GLU D 259 10.41 1.20 -32.97
C GLU D 259 11.31 0.06 -33.43
N LYS D 260 12.29 -0.32 -32.60
CA LYS D 260 13.20 -1.41 -32.97
C LYS D 260 12.45 -2.73 -33.11
N ARG D 261 11.52 -3.00 -32.19
CA ARG D 261 10.76 -4.24 -32.27
C ARG D 261 9.92 -4.29 -33.54
N LEU D 262 9.28 -3.18 -33.91
CA LEU D 262 8.47 -3.20 -35.12
C LEU D 262 9.36 -3.30 -36.36
N ALA D 263 10.56 -2.72 -36.32
CA ALA D 263 11.49 -2.90 -37.43
C ALA D 263 11.86 -4.37 -37.59
N ASN D 264 12.14 -5.05 -36.47
CA ASN D 264 12.46 -6.48 -36.52
C ASN D 264 11.28 -7.28 -37.06
N LEU D 265 10.07 -6.96 -36.61
CA LEU D 265 8.89 -7.67 -37.12
C LEU D 265 8.67 -7.43 -38.60
N LYS D 266 8.89 -6.20 -39.08
CA LYS D 266 8.76 -5.92 -40.50
C LYS D 266 9.79 -6.69 -41.31
N ASP D 267 11.02 -6.77 -40.79
CA ASP D 267 12.05 -7.54 -41.48
C ASP D 267 11.68 -9.02 -41.55
N ILE D 268 11.15 -9.57 -40.45
CA ILE D 268 10.73 -10.97 -40.44
C ILE D 268 9.58 -11.18 -41.44
N ALA D 269 8.61 -10.28 -41.46
CA ALA D 269 7.48 -10.41 -42.38
C ALA D 269 7.95 -10.34 -43.83
N SER D 270 8.92 -9.47 -44.11
CA SER D 270 9.47 -9.41 -45.46
C SER D 270 10.23 -10.69 -45.80
N ALA D 271 10.89 -11.29 -44.81
CA ALA D 271 11.61 -12.55 -45.05
C ALA D 271 10.66 -13.67 -45.45
N ASN D 272 9.40 -13.61 -45.03
CA ASN D 272 8.40 -14.60 -45.38
C ASN D 272 7.66 -14.24 -46.66
N GLY D 273 7.90 -13.06 -47.22
CA GLY D 273 7.28 -12.65 -48.46
C GLY D 273 5.77 -12.42 -48.38
N LEU D 274 5.28 -11.88 -47.28
CA LEU D 274 3.87 -11.54 -47.14
C LEU D 274 3.69 -10.04 -47.33
N ALA D 275 2.46 -9.66 -47.70
CA ALA D 275 2.13 -8.26 -47.92
C ALA D 275 1.91 -7.58 -46.57
N PHE D 276 2.89 -6.79 -46.14
CA PHE D 276 2.73 -6.06 -44.89
C PHE D 276 1.97 -4.77 -45.12
N PRO D 277 1.01 -4.43 -44.26
CA PRO D 277 0.25 -3.19 -44.45
C PRO D 277 1.15 -1.97 -44.38
N LYS D 278 0.79 -0.95 -45.16
CA LYS D 278 1.55 0.30 -45.22
C LYS D 278 0.91 1.31 -44.28
N ILE D 279 1.10 1.07 -42.98
CA ILE D 279 0.66 1.98 -41.94
C ILE D 279 1.84 2.30 -41.04
N THR D 280 2.03 3.59 -40.75
CA THR D 280 3.20 4.07 -40.03
C THR D 280 2.78 4.69 -38.71
N LEU D 281 3.68 4.64 -37.74
CA LEU D 281 3.39 5.16 -36.41
C LEU D 281 3.29 6.67 -36.44
N PRO D 282 2.30 7.27 -35.79
CA PRO D 282 2.26 8.73 -35.65
C PRO D 282 3.37 9.21 -34.75
N PRO D 283 3.76 10.48 -34.83
CA PRO D 283 4.73 11.02 -33.87
C PRO D 283 4.15 11.01 -32.47
N GLN D 284 5.02 11.05 -31.46
CA GLN D 284 4.57 10.92 -30.08
C GLN D 284 3.55 12.00 -29.75
N PRO D 285 2.34 11.65 -29.35
CA PRO D 285 1.32 12.66 -29.04
C PRO D 285 1.40 13.12 -27.59
N HIS D 286 0.63 14.18 -27.32
CA HIS D 286 0.52 14.72 -25.97
C HIS D 286 -0.92 14.89 -25.52
N THR D 287 -1.89 14.43 -26.31
CA THR D 287 -3.30 14.48 -25.96
C THR D 287 -3.90 13.09 -26.07
N LYS D 288 -5.14 12.95 -25.60
CA LYS D 288 -5.78 11.64 -25.56
C LYS D 288 -6.14 11.13 -26.95
N GLU D 289 -6.47 12.04 -27.88
CA GLU D 289 -6.83 11.60 -29.23
C GLU D 289 -5.65 10.96 -29.95
N GLY D 290 -4.46 11.53 -29.79
CA GLY D 290 -3.27 10.90 -30.36
C GLY D 290 -2.98 9.55 -29.75
N ILE D 291 -3.19 9.42 -28.44
CA ILE D 291 -3.04 8.12 -27.79
C ILE D 291 -4.02 7.12 -28.38
N GLU D 292 -5.27 7.55 -28.60
CA GLU D 292 -6.26 6.66 -29.19
C GLU D 292 -5.85 6.20 -30.58
N ALA D 293 -5.35 7.12 -31.41
CA ALA D 293 -4.91 6.76 -32.74
C ALA D 293 -3.73 5.79 -32.69
N TYR D 294 -2.77 6.04 -31.79
CA TYR D 294 -1.62 5.15 -31.66
C TYR D 294 -2.05 3.76 -31.22
N ASN D 295 -2.98 3.67 -30.26
CA ASN D 295 -3.46 2.36 -29.83
C ASN D 295 -4.22 1.66 -30.96
N ASN D 296 -5.00 2.39 -31.75
CA ASN D 296 -5.68 1.78 -32.88
C ASN D 296 -4.69 1.19 -33.87
N VAL D 297 -3.62 1.94 -34.19
CA VAL D 297 -2.62 1.45 -35.12
C VAL D 297 -1.91 0.22 -34.56
N VAL D 298 -1.57 0.27 -33.27
CA VAL D 298 -0.89 -0.86 -32.64
C VAL D 298 -1.78 -2.09 -32.64
N ALA D 299 -3.07 -1.91 -32.34
CA ALA D 299 -4.00 -3.03 -32.35
C ALA D 299 -4.13 -3.63 -33.74
N GLN D 300 -4.19 -2.78 -34.78
CA GLN D 300 -4.28 -3.29 -36.14
C GLN D 300 -3.03 -4.09 -36.50
N ILE D 301 -1.84 -3.58 -36.13
CA ILE D 301 -0.60 -4.29 -36.42
C ILE D 301 -0.58 -5.64 -35.69
N VAL D 302 -1.00 -5.65 -34.42
CA VAL D 302 -0.98 -6.89 -33.65
C VAL D 302 -1.98 -7.90 -34.23
N ILE D 303 -3.14 -7.42 -34.68
CA ILE D 303 -4.12 -8.31 -35.29
C ILE D 303 -3.55 -8.94 -36.56
N TRP D 304 -2.90 -8.12 -37.39
CA TRP D 304 -2.32 -8.65 -38.63
C TRP D 304 -1.22 -9.67 -38.31
N VAL D 305 -0.38 -9.38 -37.33
CA VAL D 305 0.69 -10.31 -36.96
C VAL D 305 0.09 -11.62 -36.46
N ASN D 306 -0.94 -11.54 -35.61
CA ASN D 306 -1.59 -12.73 -35.09
C ASN D 306 -2.17 -13.56 -36.24
N LEU D 307 -2.80 -12.89 -37.21
CA LEU D 307 -3.43 -13.62 -38.29
C LEU D 307 -2.41 -14.25 -39.24
N ASN D 308 -1.25 -13.63 -39.40
CA ASN D 308 -0.31 -14.06 -40.45
C ASN D 308 0.85 -14.92 -39.96
N LEU D 309 1.40 -14.67 -38.77
CA LEU D 309 2.63 -15.32 -38.35
C LEU D 309 2.40 -16.44 -37.33
N TRP D 310 1.75 -16.11 -36.21
CA TRP D 310 1.58 -17.11 -35.15
C TRP D 310 0.54 -18.16 -35.52
N GLN D 311 -0.48 -17.77 -36.29
CA GLN D 311 -1.58 -18.70 -36.55
C GLN D 311 -1.25 -19.63 -37.72
N LYS D 312 -0.94 -19.07 -38.88
CA LYS D 312 -0.72 -19.89 -40.07
C LYS D 312 0.63 -20.62 -40.00
N LEU D 313 1.68 -19.93 -39.55
CA LEU D 313 3.03 -20.49 -39.56
C LEU D 313 3.50 -20.99 -38.20
N LYS D 314 2.77 -20.67 -37.13
CA LYS D 314 3.11 -21.11 -35.77
C LYS D 314 4.50 -20.64 -35.35
N ILE D 315 4.66 -19.33 -35.22
CA ILE D 315 5.90 -18.74 -34.72
C ILE D 315 5.75 -18.45 -33.23
N GLY D 316 6.84 -18.61 -32.49
CA GLY D 316 6.79 -18.38 -31.05
C GLY D 316 6.67 -16.90 -30.72
N ARG D 317 6.26 -16.64 -29.47
CA ARG D 317 6.05 -15.26 -29.03
C ARG D 317 7.36 -14.49 -28.92
N ASP D 318 8.41 -15.12 -28.39
CA ASP D 318 9.67 -14.41 -28.18
C ASP D 318 10.29 -13.98 -29.51
N GLU D 319 10.27 -14.85 -30.51
CA GLU D 319 10.87 -14.52 -31.79
C GLU D 319 10.06 -13.48 -32.55
N ALA D 320 8.73 -13.50 -32.40
CA ALA D 320 7.84 -12.52 -33.03
C ALA D 320 6.95 -11.94 -31.93
N LYS D 321 7.45 -10.88 -31.24
CA LYS D 321 6.73 -10.27 -30.13
C LYS D 321 5.95 -9.04 -30.60
N PRO D 322 4.78 -8.80 -30.02
CA PRO D 322 3.91 -7.73 -30.52
C PRO D 322 4.41 -6.36 -30.10
N LEU D 323 3.66 -5.35 -30.51
CA LEU D 323 3.86 -4.01 -29.98
C LEU D 323 3.16 -3.89 -28.63
N GLN D 324 3.41 -2.79 -27.94
CA GLN D 324 2.84 -2.53 -26.64
C GLN D 324 2.05 -1.22 -26.67
N ARG D 325 0.90 -1.22 -26.01
CA ARG D 325 0.02 -0.07 -26.01
C ARG D 325 0.58 1.04 -25.12
N LEU D 326 0.02 2.24 -25.30
CA LEU D 326 0.33 3.38 -24.45
C LEU D 326 -0.72 3.46 -23.35
N LYS D 327 -0.29 3.24 -22.11
CA LYS D 327 -1.18 3.16 -20.97
C LYS D 327 -0.73 4.14 -19.89
N GLY D 328 -1.69 4.65 -19.12
CA GLY D 328 -1.39 5.50 -18.00
C GLY D 328 -1.54 6.98 -18.22
N PHE D 329 -2.09 7.41 -19.35
CA PHE D 329 -2.29 8.84 -19.59
C PHE D 329 -3.45 9.35 -18.75
N PRO D 330 -3.25 10.31 -17.87
CA PRO D 330 -4.32 10.76 -16.98
C PRO D 330 -5.27 11.73 -17.67
N SER D 331 -6.44 11.90 -17.05
CA SER D 331 -7.43 12.87 -17.47
C SER D 331 -7.54 13.99 -16.44
N PHE D 332 -8.01 15.14 -16.88
CA PHE D 332 -8.08 16.29 -15.99
C PHE D 332 -9.12 16.03 -14.89
N PRO D 333 -8.84 16.45 -13.65
CA PRO D 333 -9.72 16.10 -12.53
C PRO D 333 -11.11 16.69 -12.67
N LEU D 334 -12.11 15.80 -12.65
CA LEU D 334 -13.50 16.14 -12.37
C LEU D 334 -14.17 16.88 -13.52
N VAL D 335 -13.42 17.24 -14.56
CA VAL D 335 -13.97 17.99 -15.67
C VAL D 335 -14.05 17.16 -16.96
N GLU D 336 -13.14 16.21 -17.16
CA GLU D 336 -13.13 15.38 -18.35
C GLU D 336 -14.06 14.19 -18.26
N ARG D 337 -15.01 14.20 -17.32
CA ARG D 337 -15.99 13.14 -17.22
C ARG D 337 -16.93 13.14 -18.42
N GLU D 500 -23.16 10.69 -5.47
CA GLU D 500 -21.79 11.13 -5.28
C GLU D 500 -21.62 11.90 -3.96
N ASN D 501 -20.47 11.73 -3.32
CA ASN D 501 -20.20 12.40 -2.06
C ASN D 501 -20.09 13.91 -2.25
N SER D 502 -20.64 14.65 -1.29
CA SER D 502 -20.53 16.09 -1.24
C SER D 502 -19.72 16.45 0.00
N ILE D 503 -18.67 17.24 -0.19
CA ILE D 503 -17.67 17.49 0.85
C ILE D 503 -17.64 18.98 1.17
N LEU D 504 -17.68 19.30 2.46
CA LEU D 504 -17.43 20.64 2.96
C LEU D 504 -16.16 20.60 3.78
N ASP D 505 -15.20 21.46 3.44
CA ASP D 505 -13.86 21.38 4.01
C ASP D 505 -13.67 22.43 5.09
N ILE D 506 -12.79 22.11 6.04
CA ILE D 506 -12.40 23.03 7.11
C ILE D 506 -10.89 23.14 7.09
N SER D 507 -10.38 24.34 6.84
CA SER D 507 -8.95 24.52 6.65
C SER D 507 -8.18 24.25 7.94
N GLY D 508 -8.71 24.69 9.08
CA GLY D 508 -8.02 24.49 10.34
C GLY D 508 -8.91 24.90 11.49
N PHE D 509 -8.42 24.64 12.69
CA PHE D 509 -9.16 24.94 13.92
C PHE D 509 -8.40 26.02 14.69
N SER D 510 -8.71 27.27 14.35
CA SER D 510 -8.20 28.44 15.06
C SER D 510 -9.21 29.55 14.89
N LYS D 511 -9.07 30.60 15.70
CA LYS D 511 -10.06 31.66 15.69
C LYS D 511 -10.12 32.41 14.37
N GLN D 512 -9.13 32.23 13.50
CA GLN D 512 -9.13 32.92 12.22
C GLN D 512 -10.10 32.31 11.21
N TYR D 513 -10.30 30.99 11.26
CA TYR D 513 -11.12 30.28 10.29
C TYR D 513 -12.56 30.11 10.74
N ASN D 514 -12.93 30.61 11.92
CA ASN D 514 -14.32 30.64 12.39
C ASN D 514 -14.88 29.22 12.55
N CYS D 515 -14.14 28.38 13.25
CA CYS D 515 -14.59 27.04 13.61
C CYS D 515 -14.03 26.70 14.97
N ALA D 516 -14.75 25.86 15.71
CA ALA D 516 -14.35 25.55 17.07
C ALA D 516 -14.95 24.22 17.51
N PHE D 517 -14.26 23.56 18.44
CA PHE D 517 -14.71 22.34 19.08
C PHE D 517 -14.97 22.63 20.54
N ILE D 518 -16.25 22.68 20.93
CA ILE D 518 -16.66 23.16 22.24
C ILE D 518 -17.14 21.98 23.08
N TRP D 519 -16.69 21.91 24.32
CA TRP D 519 -17.08 20.88 25.27
C TRP D 519 -17.42 21.54 26.60
N GLN D 520 -18.50 21.08 27.23
CA GLN D 520 -18.99 21.66 28.48
C GLN D 520 -18.39 20.95 29.69
N LYS D 521 -17.71 21.70 30.56
CA LYS D 521 -17.22 21.11 31.80
C LYS D 521 -18.36 20.88 32.77
N ASP D 522 -18.43 19.64 33.27
CA ASP D 522 -19.24 19.28 34.42
C ASP D 522 -18.57 18.17 35.22
N GLY D 523 -17.82 18.56 36.24
CA GLY D 523 -16.86 17.66 36.86
C GLY D 523 -15.52 17.84 36.18
N VAL D 524 -14.45 17.33 36.78
CA VAL D 524 -13.10 17.55 36.27
C VAL D 524 -12.71 16.42 35.33
N LYS D 525 -13.67 15.57 34.96
CA LYS D 525 -13.36 14.41 34.13
C LYS D 525 -14.42 14.16 33.07
N LYS D 526 -15.30 15.12 32.82
CA LYS D 526 -16.45 14.91 31.95
C LYS D 526 -16.53 16.03 30.93
N LEU D 527 -17.20 15.76 29.81
CA LEU D 527 -17.32 16.70 28.70
C LEU D 527 -18.73 16.59 28.13
N ASN D 528 -19.09 17.57 27.27
CA ASN D 528 -20.35 17.58 26.52
C ASN D 528 -20.06 18.24 25.16
N LEU D 529 -20.03 17.42 24.11
CA LEU D 529 -19.40 17.81 22.86
C LEU D 529 -20.39 18.43 21.88
N TYR D 530 -19.91 19.43 21.15
CA TYR D 530 -20.56 20.10 20.04
C TYR D 530 -19.47 20.55 19.07
N LEU D 531 -19.88 20.90 17.85
CA LEU D 531 -18.97 21.43 16.86
C LEU D 531 -19.71 22.47 16.04
N ILE D 532 -19.15 23.68 15.94
CA ILE D 532 -19.82 24.82 15.35
C ILE D 532 -19.07 25.25 14.11
N ILE D 533 -19.81 25.57 13.05
CA ILE D 533 -19.24 26.05 11.80
C ILE D 533 -19.92 27.35 11.41
N ASN D 534 -19.17 28.45 11.42
CA ASN D 534 -19.68 29.77 11.07
C ASN D 534 -18.99 30.22 9.78
N TYR D 535 -19.56 29.84 8.63
CA TYR D 535 -19.02 30.23 7.34
C TYR D 535 -19.86 31.30 6.66
N PHE D 536 -20.81 31.91 7.36
CA PHE D 536 -21.70 32.90 6.80
C PHE D 536 -21.39 34.28 7.36
N LYS D 537 -21.78 35.30 6.61
CA LYS D 537 -21.64 36.69 7.04
C LYS D 537 -22.81 37.04 7.94
N GLY D 538 -22.52 37.58 9.12
CA GLY D 538 -23.56 37.85 10.09
C GLY D 538 -23.67 36.77 11.15
N GLY D 539 -22.53 36.35 11.68
CA GLY D 539 -22.49 35.37 12.75
C GLY D 539 -21.64 35.85 13.91
N LYS D 540 -21.80 35.22 15.07
CA LYS D 540 -21.07 35.65 16.26
C LYS D 540 -20.59 34.43 17.02
N LEU D 541 -19.26 34.29 17.07
CA LEU D 541 -18.64 33.14 17.72
C LEU D 541 -17.42 33.64 18.50
N ARG D 542 -17.60 34.75 19.21
CA ARG D 542 -16.47 35.45 19.82
C ARG D 542 -15.78 34.59 20.87
N PHE D 543 -14.45 34.66 20.88
CA PHE D 543 -13.63 34.04 21.90
C PHE D 543 -13.26 35.07 22.96
N LYS D 544 -12.76 34.59 24.10
CA LYS D 544 -12.11 35.43 25.09
C LYS D 544 -11.32 34.57 26.06
N LYS D 545 -10.04 34.91 26.26
CA LYS D 545 -9.18 34.11 27.12
C LYS D 545 -9.66 34.18 28.56
N ILE D 546 -9.49 33.06 29.28
CA ILE D 546 -9.93 32.95 30.66
C ILE D 546 -8.77 32.44 31.51
N LYS D 547 -8.96 32.46 32.82
CA LYS D 547 -7.99 31.91 33.74
C LYS D 547 -7.97 30.38 33.62
N PRO D 548 -6.87 29.74 34.02
CA PRO D 548 -6.78 28.27 33.85
C PRO D 548 -7.87 27.50 34.57
N GLU D 549 -8.36 28.00 35.71
CA GLU D 549 -9.38 27.30 36.49
C GLU D 549 -10.59 28.18 36.74
N ALA D 550 -11.05 28.88 35.70
CA ALA D 550 -12.23 29.73 35.78
C ALA D 550 -13.45 29.08 35.13
N PHE D 551 -13.55 27.75 35.20
CA PHE D 551 -14.66 27.05 34.58
C PHE D 551 -15.95 27.29 35.36
N GLU D 552 -17.06 27.42 34.62
CA GLU D 552 -18.37 27.62 35.22
C GLU D 552 -19.39 26.74 34.50
N ALA D 553 -20.47 26.44 35.20
CA ALA D 553 -21.54 25.64 34.62
C ALA D 553 -22.28 26.42 33.54
N ASN D 554 -22.84 25.69 32.58
CA ASN D 554 -23.66 26.24 31.49
C ASN D 554 -22.84 27.14 30.56
N ARG D 555 -21.51 27.11 30.68
CA ARG D 555 -20.62 27.84 29.81
C ARG D 555 -19.71 26.86 29.09
N PHE D 556 -19.54 27.06 27.78
CA PHE D 556 -18.73 26.19 26.95
C PHE D 556 -17.28 26.64 26.99
N TYR D 557 -16.37 25.71 26.71
CA TYR D 557 -14.94 25.98 26.73
C TYR D 557 -14.26 25.21 25.61
N THR D 558 -13.07 25.65 25.25
CA THR D 558 -12.27 25.01 24.21
C THR D 558 -10.81 25.41 24.41
N VAL D 559 -9.92 24.86 23.59
CA VAL D 559 -8.49 25.17 23.66
C VAL D 559 -8.01 25.56 22.27
N ILE D 560 -6.93 26.35 22.22
CA ILE D 560 -6.33 26.80 20.98
C ILE D 560 -4.84 26.51 21.06
N ASN D 561 -4.28 25.96 19.99
CA ASN D 561 -2.88 25.54 19.94
C ASN D 561 -2.05 26.59 19.22
N LYS D 562 -0.86 26.87 19.75
CA LYS D 562 0.06 27.83 19.16
C LYS D 562 1.28 27.10 18.58
N LYS D 563 2.00 27.79 17.69
CA LYS D 563 3.26 27.25 17.20
C LYS D 563 4.29 27.10 18.32
N SER D 564 4.31 28.04 19.27
CA SER D 564 5.27 28.00 20.36
C SER D 564 5.03 26.85 21.32
N GLY D 565 3.91 26.15 21.22
CA GLY D 565 3.61 25.03 22.07
C GLY D 565 2.72 25.34 23.26
N GLU D 566 2.28 26.58 23.42
CA GLU D 566 1.41 26.95 24.53
C GLU D 566 -0.04 26.67 24.18
N ILE D 567 -0.82 26.31 25.20
CA ILE D 567 -2.24 26.02 25.06
C ILE D 567 -3.01 27.07 25.85
N VAL D 568 -3.93 27.75 25.18
CA VAL D 568 -4.72 28.80 25.81
C VAL D 568 -6.17 28.32 25.92
N PRO D 569 -6.65 27.97 27.12
CA PRO D 569 -8.06 27.63 27.27
C PRO D 569 -8.93 28.87 27.15
N MET D 570 -9.87 28.84 26.20
CA MET D 570 -10.72 29.98 25.91
C MET D 570 -12.16 29.50 25.80
N GLU D 571 -13.10 30.33 26.24
CA GLU D 571 -14.50 29.94 26.29
C GLU D 571 -15.22 30.53 25.08
N VAL D 572 -16.25 29.84 24.61
CA VAL D 572 -17.01 30.25 23.44
C VAL D 572 -18.45 30.50 23.88
N ASN D 573 -18.96 31.68 23.57
CA ASN D 573 -20.35 32.03 23.84
C ASN D 573 -21.02 32.47 22.55
N PHE D 574 -22.27 32.09 22.37
CA PHE D 574 -23.01 32.35 21.14
C PHE D 574 -24.49 32.17 21.42
N ASN D 575 -25.31 32.29 20.37
CA ASN D 575 -26.75 32.17 20.46
C ASN D 575 -27.19 30.91 19.73
N PHE D 576 -27.94 30.05 20.43
CA PHE D 576 -28.34 28.78 19.83
C PHE D 576 -29.29 28.97 18.66
N ASP D 577 -30.12 30.01 18.69
CA ASP D 577 -31.07 30.27 17.62
C ASP D 577 -30.53 31.25 16.58
N ASP D 578 -29.22 31.30 16.40
CA ASP D 578 -28.61 32.19 15.42
C ASP D 578 -29.02 31.74 14.02
N PRO D 579 -29.64 32.60 13.21
CA PRO D 579 -30.10 32.17 11.88
C PRO D 579 -28.96 31.96 10.88
N ASN D 580 -27.71 32.24 11.25
CA ASN D 580 -26.59 32.09 10.33
C ASN D 580 -25.54 31.09 10.82
N LEU D 581 -25.81 30.36 11.89
CA LEU D 581 -24.85 29.39 12.40
C LEU D 581 -25.18 27.98 11.92
N ILE D 582 -24.22 27.07 12.14
CA ILE D 582 -24.41 25.65 11.90
C ILE D 582 -23.97 24.92 13.16
N ILE D 583 -24.89 24.20 13.79
CA ILE D 583 -24.64 23.51 15.04
C ILE D 583 -24.77 22.01 14.79
N LEU D 584 -23.75 21.25 15.19
CA LEU D 584 -23.71 19.82 14.95
C LEU D 584 -23.49 19.06 16.25
N PRO D 585 -24.46 18.28 16.72
CA PRO D 585 -24.19 17.31 17.78
C PRO D 585 -23.77 15.97 17.22
N LEU D 586 -22.75 15.40 17.85
CA LEU D 586 -22.09 14.20 17.32
C LEU D 586 -22.57 12.95 18.06
N ALA D 587 -22.40 11.81 17.41
CA ALA D 587 -22.76 10.51 17.96
C ALA D 587 -21.60 9.55 17.73
N PHE D 588 -21.15 8.91 18.80
CA PHE D 588 -20.02 7.98 18.73
C PHE D 588 -20.12 6.99 19.87
N GLY D 589 -19.14 6.10 19.96
CA GLY D 589 -19.13 5.05 20.95
C GLY D 589 -18.09 5.25 22.04
N LYS D 590 -18.09 4.31 22.97
CA LYS D 590 -17.14 4.36 24.09
C LYS D 590 -15.71 4.20 23.60
N ARG D 591 -15.48 3.30 22.64
CA ARG D 591 -14.13 3.06 22.14
C ARG D 591 -13.53 4.32 21.53
N GLN D 592 -14.26 4.97 20.63
CA GLN D 592 -13.78 6.20 20.00
C GLN D 592 -13.57 7.29 21.03
N GLY D 593 -14.49 7.42 21.99
CA GLY D 593 -14.35 8.43 23.01
C GLY D 593 -13.11 8.24 23.85
N ARG D 594 -12.86 7.01 24.31
CA ARG D 594 -11.65 6.74 25.08
C ARG D 594 -10.40 6.93 24.22
N GLU D 595 -10.51 6.70 22.91
CA GLU D 595 -9.34 6.86 22.05
C GLU D 595 -8.97 8.33 21.88
N PHE D 596 -9.97 9.19 21.69
CA PHE D 596 -9.70 10.57 21.29
C PHE D 596 -10.17 11.61 22.30
N ILE D 597 -11.43 11.57 22.71
CA ILE D 597 -12.01 12.71 23.44
C ILE D 597 -11.49 12.75 24.87
N TRP D 598 -11.76 11.72 25.66
CA TRP D 598 -11.40 11.75 27.07
C TRP D 598 -10.35 10.68 27.40
N ASN D 599 -9.34 10.57 26.55
CA ASN D 599 -8.29 9.58 26.77
C ASN D 599 -7.56 9.86 28.08
N ASP D 600 -7.08 8.77 28.70
CA ASP D 600 -6.43 8.90 30.00
C ASP D 600 -5.06 9.56 29.89
N LEU D 601 -4.26 9.16 28.90
CA LEU D 601 -2.92 9.68 28.72
C LEU D 601 -2.86 10.84 27.71
N LEU D 602 -3.38 10.63 26.50
CA LEU D 602 -3.36 11.65 25.47
C LEU D 602 -4.56 12.57 25.65
N SER D 603 -4.48 13.41 26.67
CA SER D 603 -5.52 14.38 26.97
C SER D 603 -5.25 15.68 26.22
N LEU D 604 -6.20 16.09 25.39
CA LEU D 604 -5.99 17.29 24.58
C LEU D 604 -6.12 18.58 25.38
N GLU D 605 -6.55 18.51 26.64
CA GLU D 605 -6.54 19.68 27.50
C GLU D 605 -5.13 20.18 27.77
N THR D 606 -4.19 19.28 28.00
CA THR D 606 -2.81 19.67 28.28
C THR D 606 -1.98 19.83 27.03
N GLY D 607 -2.57 19.65 25.85
CA GLY D 607 -1.85 19.78 24.59
C GLY D 607 -1.24 18.51 24.07
N SER D 608 -1.43 17.38 24.75
CA SER D 608 -0.85 16.13 24.29
C SER D 608 -1.45 15.66 22.97
N LEU D 609 -2.67 16.09 22.66
CA LEU D 609 -3.31 15.79 21.38
C LEU D 609 -3.82 17.09 20.80
N LYS D 610 -3.63 17.27 19.49
CA LYS D 610 -4.01 18.50 18.82
C LYS D 610 -4.94 18.20 17.67
N LEU D 611 -6.03 18.95 17.59
CA LEU D 611 -6.99 18.83 16.50
C LEU D 611 -6.42 19.57 15.29
N ALA D 612 -6.25 18.85 14.18
CA ALA D 612 -5.58 19.41 13.01
C ALA D 612 -6.58 20.08 12.06
N ASN D 613 -7.54 19.33 11.55
CA ASN D 613 -8.59 19.88 10.69
C ASN D 613 -9.79 18.94 10.74
N GLY D 614 -10.74 19.17 9.83
CA GLY D 614 -11.93 18.34 9.78
C GLY D 614 -12.58 18.45 8.44
N ARG D 615 -13.58 17.60 8.23
CA ARG D 615 -14.34 17.56 6.98
C ARG D 615 -15.77 17.16 7.31
N VAL D 616 -16.69 17.50 6.41
CA VAL D 616 -18.08 17.05 6.50
C VAL D 616 -18.36 16.23 5.26
N ILE D 617 -18.80 14.99 5.46
CA ILE D 617 -19.03 14.06 4.35
C ILE D 617 -20.52 13.77 4.27
N GLU D 618 -21.04 13.81 3.05
CA GLU D 618 -22.43 13.53 2.76
C GLU D 618 -22.48 12.40 1.73
N LYS D 619 -22.81 11.19 2.19
CA LYS D 619 -22.81 10.02 1.34
C LYS D 619 -24.04 9.17 1.63
N THR D 620 -24.31 8.23 0.75
CA THR D 620 -25.48 7.36 0.86
C THR D 620 -25.17 6.18 1.77
N LEU D 621 -26.08 5.88 2.70
CA LEU D 621 -25.97 4.74 3.59
C LEU D 621 -27.27 3.96 3.56
N TYR D 622 -27.17 2.65 3.80
CA TYR D 622 -28.31 1.76 3.72
C TYR D 622 -29.14 1.87 5.00
N ASN D 623 -30.44 2.16 4.85
CA ASN D 623 -31.37 2.20 5.97
C ASN D 623 -32.18 0.91 5.94
N ARG D 624 -31.99 0.07 6.96
CA ARG D 624 -32.65 -1.23 6.98
C ARG D 624 -34.16 -1.11 7.24
N ARG D 625 -34.58 -0.09 8.00
CA ARG D 625 -36.00 0.07 8.29
C ARG D 625 -36.79 0.35 7.02
N THR D 626 -36.28 1.23 6.16
CA THR D 626 -36.94 1.57 4.91
C THR D 626 -36.42 0.74 3.73
N ARG D 627 -35.34 -0.02 3.93
CA ARG D 627 -34.75 -0.85 2.88
C ARG D 627 -34.38 -0.02 1.66
N GLN D 628 -33.83 1.17 1.91
CA GLN D 628 -33.44 2.08 0.84
C GLN D 628 -32.11 2.74 1.21
N ASP D 629 -31.40 3.20 0.18
CA ASP D 629 -30.21 3.99 0.38
C ASP D 629 -30.58 5.46 0.53
N GLU D 630 -30.14 6.08 1.61
CA GLU D 630 -30.51 7.45 1.91
C GLU D 630 -29.26 8.25 2.25
N PRO D 631 -29.28 9.56 1.98
CA PRO D 631 -28.13 10.40 2.35
C PRO D 631 -27.92 10.43 3.85
N ALA D 632 -26.65 10.46 4.24
CA ALA D 632 -26.28 10.51 5.64
C ALA D 632 -25.14 11.50 5.82
N LEU D 633 -25.05 12.10 7.00
CA LEU D 633 -24.05 13.10 7.31
C LEU D 633 -23.00 12.50 8.24
N PHE D 634 -21.75 12.48 7.78
CA PHE D 634 -20.63 12.02 8.58
C PHE D 634 -19.71 13.20 8.90
N VAL D 635 -18.90 13.03 9.93
CA VAL D 635 -17.92 14.04 10.35
C VAL D 635 -16.59 13.36 10.54
N ALA D 636 -15.56 13.87 9.87
CA ALA D 636 -14.20 13.36 9.99
C ALA D 636 -13.34 14.43 10.66
N LEU D 637 -12.67 14.05 11.74
CA LEU D 637 -11.81 14.96 12.49
C LEU D 637 -10.46 14.30 12.68
N THR D 638 -9.41 14.94 12.16
CA THR D 638 -8.06 14.40 12.20
C THR D 638 -7.32 14.95 13.41
N PHE D 639 -6.71 14.05 14.17
CA PHE D 639 -5.97 14.40 15.38
C PHE D 639 -4.50 14.06 15.21
N GLU D 640 -3.63 14.94 15.69
CA GLU D 640 -2.19 14.75 15.61
C GLU D 640 -1.63 14.51 17.01
N ARG D 641 -0.90 13.40 17.17
CA ARG D 641 -0.27 13.07 18.44
C ARG D 641 1.03 13.83 18.57
N ARG D 642 1.26 14.42 19.74
CA ARG D 642 2.44 15.26 19.96
C ARG D 642 3.46 14.63 20.90
N GLU D 643 3.10 13.58 21.62
CA GLU D 643 4.05 12.85 22.44
C GLU D 643 4.13 11.42 21.95
N VAL D 644 5.35 10.95 21.70
CA VAL D 644 5.60 9.60 21.22
C VAL D 644 6.54 8.91 22.20
N LEU D 645 6.82 7.65 21.93
CA LEU D 645 7.69 6.85 22.78
C LEU D 645 9.14 6.98 22.34
N ASP D 646 10.04 6.52 23.20
CA ASP D 646 11.47 6.56 22.94
C ASP D 646 11.95 5.17 22.58
N SER D 647 12.55 5.02 21.41
CA SER D 647 12.99 3.73 20.91
C SER D 647 14.44 3.43 21.24
N SER D 648 15.08 4.27 22.06
CA SER D 648 16.47 4.06 22.41
C SER D 648 16.69 2.87 23.35
N ASN D 649 15.61 2.32 23.92
CA ASN D 649 15.74 1.25 24.89
C ASN D 649 14.99 -0.01 24.46
N ILE D 650 14.34 0.00 23.30
CA ILE D 650 13.65 -1.19 22.80
C ILE D 650 14.65 -2.05 22.05
N LYS D 651 15.13 -3.10 22.70
CA LYS D 651 16.15 -3.98 22.14
C LYS D 651 15.76 -5.44 22.34
N PRO D 652 14.86 -5.97 21.49
CA PRO D 652 14.51 -7.38 21.59
C PRO D 652 15.70 -8.29 21.31
N MET D 653 15.74 -9.41 22.02
CA MET D 653 16.82 -10.39 21.86
C MET D 653 16.34 -11.68 21.22
N ASN D 654 15.21 -12.22 21.65
CA ASN D 654 14.70 -13.49 21.11
C ASN D 654 14.19 -13.30 19.70
N LEU D 655 13.85 -14.40 19.03
CA LEU D 655 13.45 -14.36 17.64
C LEU D 655 12.19 -15.20 17.46
N ILE D 656 11.40 -14.87 16.44
CA ILE D 656 10.19 -15.60 16.12
C ILE D 656 10.11 -15.73 14.60
N GLY D 657 10.23 -16.97 14.11
CA GLY D 657 10.09 -17.23 12.69
C GLY D 657 8.66 -17.61 12.36
N ILE D 658 8.12 -16.97 11.33
CA ILE D 658 6.73 -17.18 10.92
C ILE D 658 6.72 -17.86 9.56
N ALA D 659 6.21 -19.08 9.51
CA ALA D 659 6.04 -19.83 8.26
C ALA D 659 4.56 -19.88 7.92
N ARG D 660 4.21 -19.38 6.74
CA ARG D 660 2.83 -19.27 6.32
C ARG D 660 2.45 -20.41 5.39
N GLY D 661 1.18 -20.80 5.46
CA GLY D 661 0.67 -21.84 4.59
C GLY D 661 -0.80 -21.65 4.33
N GLU D 662 -1.34 -22.51 3.47
CA GLU D 662 -2.75 -22.45 3.13
C GLU D 662 -3.60 -23.29 4.08
N ASN D 663 -3.11 -24.48 4.45
CA ASN D 663 -3.84 -25.33 5.38
C ASN D 663 -3.96 -24.68 6.76
N ILE D 664 -2.89 -24.08 7.25
CA ILE D 664 -2.88 -23.38 8.53
C ILE D 664 -2.40 -21.96 8.28
N PRO D 665 -3.08 -20.94 8.84
CA PRO D 665 -2.67 -19.56 8.55
C PRO D 665 -1.22 -19.24 8.91
N ALA D 666 -0.72 -19.76 10.03
CA ALA D 666 0.64 -19.45 10.45
C ALA D 666 1.10 -20.42 11.52
N VAL D 667 2.37 -20.81 11.45
CA VAL D 667 3.03 -21.61 12.47
C VAL D 667 4.30 -20.88 12.86
N ILE D 668 4.53 -20.71 14.16
CA ILE D 668 5.63 -19.88 14.66
C ILE D 668 6.49 -20.71 15.60
N ALA D 669 7.74 -20.27 15.75
CA ALA D 669 8.70 -20.90 16.66
C ALA D 669 9.52 -19.82 17.34
N LEU D 670 9.77 -19.99 18.64
CA LEU D 670 10.47 -19.02 19.45
C LEU D 670 11.88 -19.50 19.75
N THR D 671 12.87 -18.68 19.42
CA THR D 671 14.27 -19.03 19.64
C THR D 671 14.98 -17.88 20.35
N ASP D 672 16.00 -18.23 21.12
CA ASP D 672 16.85 -17.25 21.78
C ASP D 672 17.90 -16.76 20.78
N PRO D 673 18.67 -15.72 21.12
CA PRO D 673 19.66 -15.19 20.16
C PRO D 673 20.65 -16.23 19.66
N GLU D 674 21.06 -17.18 20.51
CA GLU D 674 21.97 -18.22 20.05
C GLU D 674 21.32 -19.18 19.05
N GLY D 675 20.00 -19.18 18.97
CA GLY D 675 19.27 -20.04 18.04
C GLY D 675 18.64 -21.26 18.67
N CYS D 676 18.98 -21.58 19.91
CA CYS D 676 18.39 -22.73 20.57
C CYS D 676 16.89 -22.51 20.79
N PRO D 677 16.07 -23.56 20.64
CA PRO D 677 14.64 -23.41 20.89
C PRO D 677 14.36 -23.07 22.34
N LEU D 678 13.28 -22.33 22.57
CA LEU D 678 12.85 -21.94 23.90
C LEU D 678 11.48 -22.53 24.17
N SER D 679 11.39 -23.35 25.21
CA SER D 679 10.14 -24.03 25.57
C SER D 679 9.41 -23.15 26.57
N ARG D 680 8.62 -22.20 26.06
CA ARG D 680 7.82 -21.32 26.89
C ARG D 680 6.35 -21.30 26.56
N PHE D 681 5.94 -21.86 25.42
CA PHE D 681 4.53 -21.90 25.06
C PHE D 681 3.85 -23.10 25.71
N LYS D 682 2.52 -23.10 25.62
CA LYS D 682 1.70 -24.19 26.15
C LYS D 682 0.80 -24.73 25.04
N ASP D 683 0.77 -26.05 24.90
CA ASP D 683 -0.08 -26.69 23.91
C ASP D 683 -1.43 -27.03 24.55
N SER D 684 -2.23 -27.84 23.85
CA SER D 684 -3.52 -28.25 24.40
C SER D 684 -3.33 -29.08 25.66
N LEU D 685 -2.33 -29.96 25.67
CA LEU D 685 -2.03 -30.76 26.85
C LEU D 685 -1.33 -29.97 27.94
N GLY D 686 -0.90 -28.74 27.66
CA GLY D 686 -0.17 -27.94 28.62
C GLY D 686 1.31 -28.22 28.71
N ASN D 687 1.82 -29.14 27.89
CA ASN D 687 3.23 -29.48 27.94
C ASN D 687 4.07 -28.34 27.36
N PRO D 688 5.27 -28.12 27.90
CA PRO D 688 6.15 -27.09 27.35
C PRO D 688 6.55 -27.41 25.92
N THR D 689 6.62 -26.37 25.09
CA THR D 689 6.97 -26.51 23.68
C THR D 689 7.40 -25.15 23.14
N HIS D 690 7.79 -25.14 21.88
CA HIS D 690 8.20 -23.92 21.19
C HIS D 690 7.45 -23.76 19.88
N ILE D 691 6.24 -24.30 19.79
CA ILE D 691 5.45 -24.26 18.56
C ILE D 691 4.02 -23.87 18.90
N LEU D 692 3.48 -22.92 18.14
CA LEU D 692 2.07 -22.55 18.24
C LEU D 692 1.50 -22.43 16.83
N ARG D 693 0.19 -22.59 16.74
CA ARG D 693 -0.54 -22.46 15.47
C ARG D 693 -1.64 -21.44 15.65
N ILE D 694 -1.74 -20.50 14.71
CA ILE D 694 -2.63 -19.36 14.82
C ILE D 694 -3.68 -19.44 13.72
N GLY D 695 -4.93 -19.18 14.09
CA GLY D 695 -6.02 -19.14 13.12
C GLY D 695 -6.52 -20.47 12.63
N GLU D 696 -6.31 -21.54 13.39
CA GLU D 696 -6.76 -22.86 12.95
C GLU D 696 -8.29 -22.91 12.88
N SER D 697 -8.79 -23.98 12.25
CA SER D 697 -10.19 -24.20 11.89
C SER D 697 -10.62 -23.37 10.70
N TYR D 698 -9.73 -22.56 10.14
CA TYR D 698 -10.03 -21.77 8.95
C TYR D 698 -10.44 -22.65 7.77
N LYS D 699 -9.60 -23.65 7.45
CA LYS D 699 -9.71 -24.31 6.16
C LYS D 699 -11.07 -24.97 5.97
N GLU D 700 -11.55 -25.67 7.00
CA GLU D 700 -12.88 -26.26 6.91
C GLU D 700 -13.94 -25.19 6.69
N LYS D 701 -13.73 -24.00 7.25
CA LYS D 701 -14.71 -22.94 7.07
C LYS D 701 -14.79 -22.46 5.63
N GLN D 702 -13.64 -22.12 5.00
CA GLN D 702 -13.80 -21.66 3.61
C GLN D 702 -14.17 -22.82 2.69
N ARG D 703 -13.83 -24.06 3.07
CA ARG D 703 -14.23 -25.17 2.23
C ARG D 703 -15.74 -25.42 2.32
N THR D 704 -16.33 -25.24 3.50
CA THR D 704 -17.79 -25.30 3.60
C THR D 704 -18.44 -24.19 2.79
N ILE D 705 -17.87 -22.97 2.85
CA ILE D 705 -18.43 -21.87 2.07
C ILE D 705 -18.37 -22.18 0.58
N GLN D 706 -17.23 -22.72 0.13
CA GLN D 706 -17.08 -23.03 -1.29
C GLN D 706 -17.97 -24.19 -1.70
N ALA D 707 -18.19 -25.16 -0.80
CA ALA D 707 -19.11 -26.25 -1.10
C ALA D 707 -20.53 -25.72 -1.28
N ALA D 708 -20.95 -24.80 -0.41
CA ALA D 708 -22.27 -24.20 -0.59
C ALA D 708 -22.34 -23.42 -1.89
N LYS D 709 -21.30 -22.66 -2.22
CA LYS D 709 -21.26 -21.92 -3.48
C LYS D 709 -21.40 -22.85 -4.67
N GLU D 710 -20.64 -23.95 -4.69
CA GLU D 710 -20.68 -24.87 -5.80
C GLU D 710 -22.02 -25.58 -5.89
N VAL D 711 -22.63 -25.90 -4.75
CA VAL D 711 -23.94 -26.53 -4.75
C VAL D 711 -24.96 -25.60 -5.38
N GLU D 712 -24.97 -24.32 -4.98
CA GLU D 712 -25.91 -23.37 -5.55
C GLU D 712 -25.64 -23.14 -7.03
N GLN D 713 -24.36 -23.07 -7.42
CA GLN D 713 -24.02 -22.86 -8.82
C GLN D 713 -24.48 -24.02 -9.68
N ARG D 714 -24.31 -25.25 -9.18
CA ARG D 714 -24.78 -26.41 -9.93
C ARG D 714 -26.31 -26.47 -9.97
N ARG D 715 -26.96 -26.01 -8.90
CA ARG D 715 -28.41 -26.05 -8.85
C ARG D 715 -29.05 -25.06 -9.80
N ALA D 716 -28.57 -23.81 -9.81
CA ALA D 716 -29.26 -22.76 -10.56
C ALA D 716 -28.37 -21.93 -11.47
N GLY D 717 -27.07 -22.23 -11.55
CA GLY D 717 -26.18 -21.44 -12.37
C GLY D 717 -25.68 -20.15 -11.73
N GLY D 718 -26.12 -19.86 -10.52
CA GLY D 718 -25.68 -18.65 -9.84
C GLY D 718 -26.05 -18.72 -8.38
N TYR D 719 -25.34 -17.91 -7.59
CA TYR D 719 -25.51 -17.90 -6.15
C TYR D 719 -26.18 -16.59 -5.71
N SER D 720 -26.82 -16.65 -4.55
CA SER D 720 -27.46 -15.47 -3.98
C SER D 720 -26.41 -14.47 -3.53
N ARG D 721 -26.87 -13.29 -3.14
CA ARG D 721 -25.96 -12.21 -2.74
C ARG D 721 -25.23 -12.53 -1.44
N LYS D 722 -25.66 -13.54 -0.69
CA LYS D 722 -25.00 -13.88 0.57
C LYS D 722 -23.56 -14.32 0.36
N TYR D 723 -23.31 -15.16 -0.65
CA TYR D 723 -22.00 -15.76 -0.86
C TYR D 723 -21.06 -14.84 -1.63
N ALA D 724 -21.40 -13.56 -1.77
CA ALA D 724 -20.55 -12.65 -2.54
C ALA D 724 -19.30 -12.26 -1.76
N SER D 725 -19.44 -12.02 -0.45
CA SER D 725 -18.35 -11.44 0.33
C SER D 725 -18.08 -12.18 1.64
N LYS D 726 -18.60 -13.40 1.79
CA LYS D 726 -18.35 -14.16 3.01
C LYS D 726 -16.87 -14.52 3.14
N ALA D 727 -16.29 -15.04 2.05
CA ALA D 727 -14.88 -15.44 2.09
C ALA D 727 -13.97 -14.25 2.36
N LYS D 728 -14.23 -13.12 1.70
CA LYS D 728 -13.40 -11.93 1.89
C LYS D 728 -13.47 -11.42 3.33
N ASN D 729 -14.69 -11.33 3.88
CA ASN D 729 -14.84 -10.87 5.26
C ASN D 729 -14.15 -11.81 6.23
N LEU D 730 -14.33 -13.12 6.04
CA LEU D 730 -13.71 -14.07 6.94
C LEU D 730 -12.19 -14.01 6.85
N ALA D 731 -11.66 -13.85 5.63
CA ALA D 731 -10.21 -13.74 5.46
C ALA D 731 -9.66 -12.48 6.12
N ASP D 732 -10.37 -11.35 5.99
CA ASP D 732 -9.94 -10.13 6.65
C ASP D 732 -9.96 -10.30 8.17
N ASP D 733 -11.01 -10.93 8.69
CA ASP D 733 -11.07 -11.22 10.12
C ASP D 733 -9.86 -12.04 10.54
N MET D 734 -9.54 -13.08 9.77
CA MET D 734 -8.46 -13.99 10.15
C MET D 734 -7.10 -13.29 10.11
N VAL D 735 -6.86 -12.47 9.09
CA VAL D 735 -5.56 -11.80 9.01
C VAL D 735 -5.42 -10.77 10.12
N ARG D 736 -6.50 -10.03 10.43
CA ARG D 736 -6.43 -9.08 11.53
C ARG D 736 -6.15 -9.79 12.85
N ASN D 737 -6.85 -10.90 13.10
CA ASN D 737 -6.65 -11.61 14.37
C ASN D 737 -5.25 -12.21 14.45
N THR D 738 -4.74 -12.75 13.34
CA THR D 738 -3.40 -13.32 13.33
C THR D 738 -2.36 -12.24 13.61
N ALA D 739 -2.51 -11.06 12.99
CA ALA D 739 -1.58 -9.96 13.25
C ALA D 739 -1.63 -9.56 14.71
N ARG D 740 -2.84 -9.47 15.29
CA ARG D 740 -2.96 -9.11 16.70
C ARG D 740 -2.27 -10.13 17.59
N ASP D 741 -2.48 -11.42 17.31
CA ASP D 741 -1.92 -12.46 18.16
C ASP D 741 -0.40 -12.48 18.07
N LEU D 742 0.15 -12.32 16.87
CA LEU D 742 1.61 -12.29 16.74
C LEU D 742 2.20 -11.03 17.38
N LEU D 743 1.51 -9.90 17.27
CA LEU D 743 1.98 -8.71 17.97
C LEU D 743 2.01 -8.93 19.48
N TYR D 744 0.96 -9.56 20.02
CA TYR D 744 0.93 -9.85 21.45
C TYR D 744 2.08 -10.77 21.86
N TYR D 745 2.30 -11.83 21.08
CA TYR D 745 3.36 -12.78 21.41
C TYR D 745 4.72 -12.10 21.36
N ALA D 746 4.97 -11.29 20.33
CA ALA D 746 6.26 -10.61 20.23
C ALA D 746 6.45 -9.64 21.38
N VAL D 747 5.42 -8.90 21.75
CA VAL D 747 5.58 -7.89 22.80
C VAL D 747 5.77 -8.55 24.16
N THR D 748 4.95 -9.56 24.48
CA THR D 748 5.03 -10.16 25.81
C THR D 748 6.22 -11.10 25.95
N GLN D 749 6.74 -11.64 24.86
CA GLN D 749 7.84 -12.59 24.92
C GLN D 749 9.20 -11.95 24.73
N ASP D 750 9.25 -10.65 24.45
CA ASP D 750 10.50 -9.94 24.18
C ASP D 750 11.26 -10.59 23.03
N ALA D 751 10.61 -10.59 21.86
CA ALA D 751 11.18 -11.19 20.68
C ALA D 751 10.90 -10.32 19.47
N MET D 752 11.77 -10.42 18.47
CA MET D 752 11.66 -9.64 17.25
C MET D 752 11.17 -10.55 16.14
N LEU D 753 10.15 -10.10 15.40
CA LEU D 753 9.51 -10.91 14.39
C LEU D 753 10.33 -10.96 13.11
N ILE D 754 10.30 -12.11 12.44
CA ILE D 754 10.96 -12.31 11.16
C ILE D 754 9.94 -12.86 10.17
N PHE D 755 9.82 -12.22 9.02
CA PHE D 755 8.98 -12.69 7.93
C PHE D 755 9.85 -13.14 6.76
N ALA D 756 9.19 -13.72 5.76
CA ALA D 756 9.88 -14.12 4.54
C ALA D 756 10.00 -12.93 3.58
N ASN D 757 11.11 -12.88 2.85
CA ASN D 757 11.38 -11.78 1.93
C ASN D 757 10.59 -12.02 0.64
N LEU D 758 9.27 -11.95 0.77
CA LEU D 758 8.38 -12.04 -0.39
C LEU D 758 8.17 -10.66 -0.98
N SER D 759 8.23 -10.58 -2.30
CA SER D 759 7.95 -9.32 -2.97
C SER D 759 6.50 -8.91 -2.74
N ARG D 760 6.27 -7.60 -2.73
CA ARG D 760 4.93 -7.08 -2.46
C ARG D 760 3.92 -7.62 -3.47
N GLY D 761 2.76 -8.04 -2.96
CA GLY D 761 1.75 -8.64 -3.79
C GLY D 761 1.96 -10.11 -4.08
N PHE D 762 2.84 -10.79 -3.36
CA PHE D 762 3.12 -12.20 -3.63
C PHE D 762 1.92 -13.07 -3.26
N GLY D 763 1.72 -14.11 -4.07
CA GLY D 763 0.66 -15.07 -3.85
C GLY D 763 0.55 -16.05 -4.99
N ARG D 764 -0.38 -17.01 -4.89
CA ARG D 764 -0.60 -17.95 -5.97
C ARG D 764 -1.73 -17.47 -6.87
N GLN D 765 -1.41 -17.21 -8.13
CA GLN D 765 -2.38 -16.75 -9.12
C GLN D 765 -2.66 -17.91 -10.07
N GLY D 766 -3.63 -18.73 -9.71
CA GLY D 766 -3.96 -19.91 -10.49
C GLY D 766 -5.39 -19.95 -10.98
N LYS D 767 -5.98 -21.14 -11.00
CA LYS D 767 -7.34 -21.33 -11.50
C LYS D 767 -8.38 -21.22 -10.39
N ARG D 768 -8.23 -22.02 -9.34
CA ARG D 768 -9.16 -22.02 -8.21
C ARG D 768 -8.67 -21.16 -7.06
N THR D 769 -7.86 -20.15 -7.34
CA THR D 769 -7.36 -19.25 -6.32
C THR D 769 -8.32 -18.09 -6.12
N PHE D 770 -8.27 -17.49 -4.92
CA PHE D 770 -9.12 -16.37 -4.58
C PHE D 770 -8.26 -15.22 -4.07
N MET D 771 -8.69 -14.00 -4.38
CA MET D 771 -7.98 -12.82 -3.89
C MET D 771 -8.02 -12.71 -2.38
N ALA D 772 -8.96 -13.40 -1.72
CA ALA D 772 -9.01 -13.43 -0.27
C ALA D 772 -7.93 -14.33 0.34
N GLU D 773 -7.03 -14.88 -0.46
CA GLU D 773 -5.95 -15.73 0.03
C GLU D 773 -4.59 -15.05 -0.03
N ARG D 774 -4.56 -13.71 -0.13
CA ARG D 774 -3.33 -12.93 -0.17
C ARG D 774 -3.32 -12.01 1.05
N GLN D 775 -2.75 -12.52 2.15
CA GLN D 775 -2.63 -11.79 3.40
C GLN D 775 -1.19 -11.75 3.90
N TYR D 776 -0.24 -11.44 3.01
CA TYR D 776 1.13 -11.24 3.47
C TYR D 776 1.43 -9.75 3.61
N THR D 777 1.29 -9.01 2.50
CA THR D 777 1.47 -7.56 2.53
C THR D 777 0.45 -6.88 3.41
N ARG D 778 -0.80 -7.35 3.40
CA ARG D 778 -1.81 -6.77 4.27
C ARG D 778 -1.41 -6.85 5.73
N MET D 779 -0.94 -8.02 6.15
CA MET D 779 -0.49 -8.19 7.53
C MET D 779 0.71 -7.32 7.84
N GLU D 780 1.71 -7.30 6.96
CA GLU D 780 2.89 -6.48 7.20
C GLU D 780 2.50 -5.01 7.34
N ASP D 781 1.62 -4.53 6.45
CA ASP D 781 1.21 -3.13 6.48
C ASP D 781 0.42 -2.82 7.75
N TRP D 782 -0.49 -3.71 8.15
CA TRP D 782 -1.24 -3.47 9.37
C TRP D 782 -0.32 -3.37 10.58
N LEU D 783 0.61 -4.32 10.70
CA LEU D 783 1.54 -4.30 11.84
C LEU D 783 2.41 -3.05 11.81
N THR D 784 2.88 -2.66 10.62
CA THR D 784 3.72 -1.47 10.49
C THR D 784 2.97 -0.20 10.88
N ALA D 785 1.72 -0.06 10.41
CA ALA D 785 0.94 1.13 10.76
C ALA D 785 0.67 1.19 12.26
N LYS D 786 0.33 0.04 12.86
CA LYS D 786 0.05 0.03 14.28
C LYS D 786 1.29 0.37 15.11
N LEU D 787 2.46 -0.12 14.68
CA LEU D 787 3.69 0.26 15.36
C LEU D 787 4.05 1.71 15.09
N ALA D 788 3.64 2.25 13.94
CA ALA D 788 4.01 3.60 13.57
C ALA D 788 3.21 4.65 14.32
N TYR D 789 1.93 4.39 14.60
CA TYR D 789 1.14 5.37 15.34
C TYR D 789 1.73 5.66 16.72
N GLU D 790 2.42 4.68 17.31
CA GLU D 790 3.04 4.89 18.61
C GLU D 790 4.37 5.61 18.54
N GLY D 791 4.88 5.88 17.34
CA GLY D 791 6.13 6.59 17.18
C GLY D 791 7.36 5.73 17.03
N LEU D 792 7.20 4.41 16.93
CA LEU D 792 8.42 3.63 16.76
C LEU D 792 8.60 3.21 15.30
N PRO D 793 9.84 3.14 14.83
CA PRO D 793 10.09 2.62 13.48
C PRO D 793 9.83 1.13 13.41
N SER D 794 9.58 0.65 12.19
CA SER D 794 9.28 -0.76 11.99
C SER D 794 10.45 -1.66 12.37
N LYS D 795 11.68 -1.15 12.27
CA LYS D 795 12.85 -1.96 12.55
C LYS D 795 12.99 -2.34 14.02
N THR D 796 12.20 -1.74 14.90
CA THR D 796 12.26 -2.09 16.32
C THR D 796 11.81 -3.53 16.56
N TYR D 797 10.70 -3.93 15.94
CA TYR D 797 10.12 -5.25 16.17
C TYR D 797 9.92 -6.06 14.91
N LEU D 798 9.84 -5.43 13.73
CA LEU D 798 9.49 -6.10 12.49
C LEU D 798 10.68 -6.13 11.54
N SER D 799 10.86 -7.24 10.84
CA SER D 799 11.99 -7.41 9.95
C SER D 799 11.64 -8.34 8.81
N LYS D 800 12.61 -8.55 7.91
CA LYS D 800 12.48 -9.45 6.77
C LYS D 800 13.78 -10.20 6.57
N THR D 801 13.69 -11.35 5.89
CA THR D 801 14.88 -12.10 5.52
C THR D 801 14.58 -13.09 4.40
N LEU D 802 15.63 -13.64 3.80
CA LEU D 802 15.50 -14.61 2.72
C LEU D 802 14.88 -15.91 3.22
N GLN D 804 13.97 -17.85 0.12
CA GLN D 804 14.76 -18.63 -0.82
C GLN D 804 15.43 -19.80 -0.11
N TYR D 805 15.00 -21.01 -0.45
CA TYR D 805 15.64 -22.26 -0.02
C TYR D 805 15.53 -22.49 1.48
N THR D 806 14.47 -21.98 2.12
CA THR D 806 14.33 -22.17 3.56
C THR D 806 13.39 -23.34 3.88
N SER D 807 12.39 -23.58 3.04
CA SER D 807 11.44 -24.65 3.23
C SER D 807 11.90 -25.98 2.66
N LYS D 808 12.96 -25.97 1.84
CA LYS D 808 13.44 -27.16 1.16
C LYS D 808 14.71 -27.72 1.80
N THR D 809 14.95 -27.38 3.06
CA THR D 809 16.18 -27.75 3.75
C THR D 809 15.87 -28.64 4.94
N CYS D 810 16.53 -29.79 4.99
CA CYS D 810 16.38 -30.69 6.13
C CYS D 810 17.17 -30.16 7.32
N SER D 811 16.71 -30.48 8.53
CA SER D 811 17.37 -30.04 9.74
C SER D 811 18.40 -31.05 10.27
N ASN D 812 18.80 -32.01 9.46
CA ASN D 812 19.83 -32.97 9.84
C ASN D 812 21.17 -32.69 9.19
N CYS D 813 21.19 -32.46 7.87
CA CYS D 813 22.42 -32.18 7.16
C CYS D 813 22.34 -30.95 6.27
N GLY D 814 21.14 -30.55 5.84
CA GLY D 814 21.01 -29.36 5.03
C GLY D 814 20.84 -29.59 3.55
N PHE D 815 20.49 -30.80 3.13
CA PHE D 815 20.26 -31.09 1.71
C PHE D 815 19.07 -30.31 1.21
N THR D 816 19.16 -29.80 -0.01
CA THR D 816 18.10 -29.01 -0.62
C THR D 816 17.86 -29.46 -2.05
N ILE D 817 16.60 -29.64 -2.40
CA ILE D 817 16.20 -29.92 -3.77
C ILE D 817 15.94 -28.60 -4.48
N THR D 818 16.06 -28.60 -5.80
CA THR D 818 15.93 -27.39 -6.60
C THR D 818 15.14 -27.69 -7.87
N SER D 819 14.37 -26.70 -8.32
CA SER D 819 13.73 -26.80 -9.63
C SER D 819 14.75 -26.89 -10.75
N ALA D 820 15.85 -26.14 -10.66
CA ALA D 820 16.92 -26.26 -11.65
C ALA D 820 17.73 -27.54 -11.46
N ASP D 821 17.55 -28.24 -10.34
CA ASP D 821 18.26 -29.48 -10.11
C ASP D 821 17.77 -30.60 -11.00
N TYR D 822 16.66 -30.41 -11.73
CA TYR D 822 16.21 -31.42 -12.68
C TYR D 822 17.21 -31.62 -13.80
N ASP D 823 18.14 -30.68 -13.97
CA ASP D 823 19.24 -30.88 -14.92
C ASP D 823 20.07 -32.09 -14.52
N ARG D 824 20.25 -32.31 -13.21
CA ARG D 824 20.95 -33.50 -12.75
C ARG D 824 20.19 -34.77 -13.14
N VAL D 825 18.86 -34.72 -13.04
CA VAL D 825 18.04 -35.87 -13.42
C VAL D 825 18.16 -36.15 -14.91
N LEU D 826 18.14 -35.10 -15.73
CA LEU D 826 18.19 -35.24 -17.18
C LEU D 826 19.61 -35.34 -17.72
N GLU D 827 20.62 -35.29 -16.86
CA GLU D 827 22.00 -35.41 -17.30
C GLU D 827 22.37 -36.81 -17.79
N LYS D 828 21.82 -37.86 -17.21
CA LYS D 828 22.17 -39.22 -17.63
C LYS D 828 21.01 -39.95 -18.30
N LEU D 829 19.92 -40.13 -17.55
CA LEU D 829 18.70 -40.78 -18.02
C LEU D 829 18.99 -42.01 -18.89
N LYS D 830 19.98 -42.80 -18.51
CA LYS D 830 20.36 -43.97 -19.29
C LYS D 830 19.43 -45.13 -18.94
N LYS D 831 19.36 -46.13 -19.82
CA LYS D 831 18.39 -47.19 -19.72
C LYS D 831 19.05 -48.51 -19.30
N THR D 832 18.36 -49.24 -18.44
CA THR D 832 18.72 -50.60 -18.06
C THR D 832 17.65 -51.56 -18.58
N ALA D 833 17.85 -52.86 -18.31
CA ALA D 833 16.88 -53.86 -18.75
C ALA D 833 15.56 -53.73 -18.01
N THR D 834 15.58 -53.20 -16.79
CA THR D 834 14.39 -53.01 -15.98
C THR D 834 13.65 -51.73 -16.31
N GLY D 835 14.15 -50.93 -17.23
CA GLY D 835 13.55 -49.64 -17.54
C GLY D 835 14.57 -48.52 -17.51
N TRP D 836 14.11 -47.30 -17.26
CA TRP D 836 15.02 -46.16 -17.24
C TRP D 836 15.66 -46.01 -15.86
N MET D 837 16.78 -45.31 -15.82
CA MET D 837 17.52 -45.09 -14.59
C MET D 837 18.20 -43.74 -14.63
N THR D 838 18.26 -43.07 -13.48
CA THR D 838 18.97 -41.80 -13.37
C THR D 838 19.47 -41.68 -11.93
N THR D 839 20.51 -40.86 -11.76
CA THR D 839 21.14 -40.67 -10.47
C THR D 839 21.38 -39.19 -10.22
N ILE D 840 21.18 -38.76 -8.98
CA ILE D 840 21.49 -37.40 -8.56
C ILE D 840 22.35 -37.47 -7.30
N ASN D 841 23.47 -36.75 -7.30
CA ASN D 841 24.35 -36.63 -6.15
C ASN D 841 24.79 -38.01 -5.63
N GLY D 842 25.04 -38.93 -6.56
CA GLY D 842 25.49 -40.26 -6.22
C GLY D 842 24.41 -41.19 -5.72
N LYS D 843 23.16 -40.77 -5.70
CA LYS D 843 22.06 -41.60 -5.22
C LYS D 843 21.23 -42.08 -6.39
N GLU D 844 21.05 -43.39 -6.49
CA GLU D 844 20.26 -43.98 -7.56
C GLU D 844 18.78 -43.64 -7.40
N LEU D 845 18.15 -43.27 -8.50
CA LEU D 845 16.73 -42.95 -8.55
C LEU D 845 16.03 -43.94 -9.46
N LYS D 846 14.98 -44.59 -8.94
CA LYS D 846 14.21 -45.55 -9.72
C LYS D 846 13.19 -44.79 -10.55
N VAL D 847 13.29 -44.90 -11.87
CA VAL D 847 12.43 -44.14 -12.78
C VAL D 847 11.12 -44.90 -12.93
N GLU D 848 10.08 -44.42 -12.24
CA GLU D 848 8.74 -44.98 -12.38
C GLU D 848 7.75 -43.99 -11.76
N GLY D 849 6.47 -44.19 -12.06
CA GLY D 849 5.43 -43.33 -11.54
C GLY D 849 4.40 -42.92 -12.57
N GLN D 850 3.33 -42.27 -12.10
CA GLN D 850 2.24 -41.83 -12.96
C GLN D 850 2.03 -40.33 -12.77
N ILE D 851 1.55 -39.68 -13.83
CA ILE D 851 1.38 -38.23 -13.87
C ILE D 851 -0.06 -37.91 -14.20
N THR D 852 -0.66 -37.00 -13.41
CA THR D 852 -2.00 -36.49 -13.65
C THR D 852 -1.92 -34.97 -13.70
N TYR D 853 -2.35 -34.38 -14.80
CA TYR D 853 -2.23 -32.95 -15.03
C TYR D 853 -3.57 -32.38 -15.49
N TYR D 854 -3.80 -31.11 -15.17
CA TYR D 854 -5.03 -30.41 -15.52
C TYR D 854 -4.96 -30.03 -16.99
N ASN D 855 -5.42 -30.94 -17.84
CA ASN D 855 -5.43 -30.70 -19.29
C ASN D 855 -6.49 -29.66 -19.62
N ARG D 856 -6.04 -28.45 -19.96
CA ARG D 856 -6.98 -27.36 -20.22
C ARG D 856 -7.73 -27.56 -21.53
N TYR D 857 -7.12 -28.28 -22.48
CA TYR D 857 -7.82 -28.60 -23.72
C TYR D 857 -9.05 -29.45 -23.46
N LYS D 858 -9.01 -30.27 -22.40
CA LYS D 858 -10.14 -31.13 -22.07
C LYS D 858 -10.91 -30.66 -20.85
N ARG D 859 -10.38 -29.69 -20.10
CA ARG D 859 -11.01 -29.17 -18.89
C ARG D 859 -11.31 -30.29 -17.90
N GLN D 860 -10.37 -31.22 -17.77
CA GLN D 860 -10.52 -32.35 -16.87
C GLN D 860 -9.12 -32.85 -16.52
N ASN D 861 -9.04 -34.01 -15.86
CA ASN D 861 -7.78 -34.60 -15.44
C ASN D 861 -7.55 -35.90 -16.20
N VAL D 862 -6.40 -36.01 -16.85
CA VAL D 862 -6.01 -37.20 -17.59
C VAL D 862 -4.75 -37.77 -16.95
N VAL D 863 -4.78 -39.06 -16.64
CA VAL D 863 -3.68 -39.74 -15.97
C VAL D 863 -2.84 -40.45 -17.02
N LYS D 864 -1.52 -40.25 -16.95
CA LYS D 864 -0.58 -40.88 -17.86
C LYS D 864 0.53 -41.54 -17.06
N ASP D 865 1.11 -42.58 -17.64
CA ASP D 865 2.21 -43.30 -17.03
C ASP D 865 3.53 -42.72 -17.52
N LEU D 866 4.41 -42.36 -16.58
CA LEU D 866 5.66 -41.70 -16.94
C LEU D 866 6.56 -42.62 -17.75
N SER D 867 6.71 -43.88 -17.31
CA SER D 867 7.53 -44.83 -18.05
C SER D 867 6.93 -45.11 -19.43
N VAL D 868 5.61 -45.20 -19.52
CA VAL D 868 4.97 -45.43 -20.82
C VAL D 868 5.21 -44.24 -21.75
N GLU D 869 5.10 -43.02 -21.23
CA GLU D 869 5.37 -41.84 -22.04
C GLU D 869 6.82 -41.81 -22.52
N LEU D 870 7.76 -42.15 -21.62
CA LEU D 870 9.16 -42.17 -22.02
C LEU D 870 9.43 -43.25 -23.07
N ASP D 871 8.79 -44.41 -22.94
CA ASP D 871 8.95 -45.47 -23.93
C ASP D 871 8.38 -45.04 -25.28
N ARG D 872 7.21 -44.37 -25.26
CA ARG D 872 6.64 -43.88 -26.52
C ARG D 872 7.55 -42.85 -27.17
N LEU D 873 8.18 -42.00 -26.37
CA LEU D 873 9.20 -41.10 -26.91
C LEU D 873 10.38 -41.86 -27.49
N SER D 874 10.83 -42.91 -26.80
CA SER D 874 11.97 -43.72 -27.23
C SER D 874 11.65 -44.62 -28.42
N GLU D 875 10.39 -44.72 -28.81
CA GLU D 875 10.05 -45.54 -29.98
C GLU D 875 10.74 -45.05 -31.24
N GLU D 876 10.83 -43.73 -31.44
CA GLU D 876 11.41 -43.16 -32.64
C GLU D 876 12.90 -42.84 -32.50
N SER D 877 13.53 -43.22 -31.39
CA SER D 877 14.92 -42.89 -31.14
C SER D 877 15.77 -44.15 -31.03
N VAL D 878 17.04 -44.02 -31.38
CA VAL D 878 18.00 -45.10 -31.33
C VAL D 878 18.96 -44.85 -30.18
N ASN D 879 19.13 -45.86 -29.32
CA ASN D 879 19.99 -45.82 -28.14
C ASN D 879 19.51 -44.85 -27.08
N ASN D 880 18.39 -44.15 -27.33
CA ASN D 880 17.77 -43.25 -26.36
C ASN D 880 18.74 -42.19 -25.86
N ASP D 881 19.60 -41.68 -26.75
CA ASP D 881 20.62 -40.71 -26.36
C ASP D 881 19.98 -39.34 -26.18
N ILE D 882 20.32 -38.65 -25.09
CA ILE D 882 19.74 -37.35 -24.78
C ILE D 882 20.27 -36.29 -25.74
N SER D 883 21.57 -36.33 -26.04
CA SER D 883 22.20 -35.28 -26.84
C SER D 883 21.69 -35.25 -28.28
N SER D 884 20.99 -36.29 -28.72
CA SER D 884 20.40 -36.31 -30.05
C SER D 884 19.11 -35.53 -30.14
N TRP D 885 18.74 -34.79 -29.08
CA TRP D 885 17.43 -34.17 -29.01
C TRP D 885 17.55 -32.68 -29.37
N THR D 886 16.71 -32.23 -30.31
CA THR D 886 16.93 -30.87 -30.80
C THR D 886 16.39 -29.80 -29.86
N LYS D 887 15.07 -29.64 -29.78
CA LYS D 887 14.50 -28.77 -28.75
C LYS D 887 13.28 -29.38 -28.10
N GLY D 888 12.43 -30.02 -28.90
CA GLY D 888 11.09 -30.37 -28.47
C GLY D 888 11.03 -31.55 -27.54
N ARG D 889 11.69 -32.65 -27.93
CA ARG D 889 11.60 -33.87 -27.14
C ARG D 889 12.39 -33.73 -25.85
N SER D 890 13.42 -32.88 -25.84
CA SER D 890 14.06 -32.52 -24.58
C SER D 890 13.08 -31.84 -23.63
N GLY D 891 12.30 -30.88 -24.14
CA GLY D 891 11.35 -30.19 -23.28
C GLY D 891 10.26 -31.10 -22.77
N GLU D 892 9.75 -31.97 -23.65
CA GLU D 892 8.70 -32.89 -23.25
C GLU D 892 9.23 -33.89 -22.22
N ALA D 893 10.45 -34.40 -22.42
CA ALA D 893 11.03 -35.31 -21.44
C ALA D 893 11.26 -34.60 -20.11
N LEU D 894 11.68 -33.35 -20.14
CA LEU D 894 11.88 -32.59 -18.90
C LEU D 894 10.54 -32.40 -18.18
N SER D 895 9.49 -32.07 -18.92
CA SER D 895 8.17 -31.89 -18.32
C SER D 895 7.65 -33.20 -17.75
N LEU D 896 7.93 -34.32 -18.41
CA LEU D 896 7.61 -35.62 -17.83
C LEU D 896 8.38 -35.86 -16.54
N LEU D 897 9.70 -35.61 -16.55
CA LEU D 897 10.55 -35.95 -15.44
C LEU D 897 10.40 -35.00 -14.25
N LYS D 898 9.71 -33.87 -14.43
CA LYS D 898 9.65 -32.85 -13.39
C LYS D 898 8.80 -33.25 -12.19
N LYS D 899 8.26 -34.48 -12.18
CA LYS D 899 7.53 -34.97 -11.02
C LYS D 899 8.35 -36.06 -10.36
N ARG D 900 8.67 -37.16 -11.05
CA ARG D 900 9.36 -38.36 -10.57
C ARG D 900 9.40 -38.54 -9.05
N PHE D 901 10.55 -39.00 -8.56
CA PHE D 901 10.81 -39.13 -7.13
C PHE D 901 11.76 -38.04 -6.68
N SER D 902 11.23 -36.87 -6.32
CA SER D 902 12.13 -35.75 -6.09
C SER D 902 12.19 -35.28 -4.63
N HIS D 903 11.06 -34.82 -4.08
CA HIS D 903 11.15 -34.29 -2.71
C HIS D 903 9.95 -34.59 -1.83
N ARG D 904 8.89 -35.18 -2.37
CA ARG D 904 7.57 -35.12 -1.74
C ARG D 904 6.82 -36.44 -1.90
N PRO D 905 6.97 -37.35 -0.93
CA PRO D 905 6.00 -38.45 -0.84
C PRO D 905 4.65 -38.01 -0.30
N VAL D 906 4.64 -37.15 0.70
CA VAL D 906 3.43 -36.57 1.27
C VAL D 906 3.58 -35.06 1.30
N GLN D 907 2.48 -34.36 1.00
CA GLN D 907 2.52 -32.89 0.95
C GLN D 907 2.89 -32.28 2.29
N GLU D 908 2.29 -32.79 3.38
CA GLU D 908 2.50 -32.19 4.69
C GLU D 908 3.66 -32.85 5.43
N LYS D 909 3.78 -34.18 5.31
CA LYS D 909 4.86 -34.91 5.98
C LYS D 909 6.19 -34.64 5.30
N PHE D 910 7.26 -34.59 6.08
CA PHE D 910 8.61 -34.36 5.57
C PHE D 910 9.54 -35.44 6.10
N VAL D 911 10.36 -36.00 5.21
CA VAL D 911 11.33 -37.03 5.58
C VAL D 911 12.69 -36.61 5.04
N CYS D 912 13.72 -36.79 5.86
CA CYS D 912 15.07 -36.37 5.49
C CYS D 912 15.79 -37.52 4.79
N LEU D 913 16.55 -37.19 3.74
CA LEU D 913 17.21 -38.21 2.94
C LEU D 913 18.42 -38.81 3.66
N ASN D 914 19.07 -38.05 4.52
CA ASN D 914 20.30 -38.50 5.16
C ASN D 914 20.07 -39.66 6.12
N CYS D 915 19.11 -39.54 7.03
CA CYS D 915 18.88 -40.59 8.03
C CYS D 915 17.41 -40.87 8.28
N GLY D 916 16.51 -40.39 7.42
CA GLY D 916 15.10 -40.66 7.61
C GLY D 916 14.42 -39.88 8.71
N PHE D 917 14.94 -38.69 9.04
CA PHE D 917 14.32 -37.87 10.07
C PHE D 917 12.93 -37.43 9.64
N GLU D 918 11.97 -37.56 10.55
CA GLU D 918 10.57 -37.29 10.24
C GLU D 918 10.01 -36.25 11.20
N THR D 919 9.45 -35.18 10.64
CA THR D 919 8.88 -34.08 11.42
C THR D 919 7.96 -33.29 10.49
N HIS D 920 7.04 -32.53 11.08
CA HIS D 920 6.13 -31.68 10.32
C HIS D 920 6.91 -30.65 9.52
N ALA D 921 6.41 -30.32 8.32
CA ALA D 921 7.12 -29.38 7.46
C ALA D 921 6.99 -27.94 7.95
N ALA D 922 5.81 -27.56 8.44
CA ALA D 922 5.57 -26.18 8.83
C ALA D 922 6.48 -25.75 9.99
N GLU D 923 6.64 -26.62 10.99
CA GLU D 923 7.49 -26.28 12.12
C GLU D 923 8.94 -26.10 11.69
N GLN D 924 9.43 -26.98 10.82
CA GLN D 924 10.80 -26.87 10.34
C GLN D 924 10.98 -25.60 9.51
N ALA D 925 9.99 -25.25 8.69
CA ALA D 925 10.06 -24.02 7.93
C ALA D 925 10.09 -22.80 8.85
N ALA D 926 9.26 -22.80 9.88
CA ALA D 926 9.24 -21.68 10.82
C ALA D 926 10.58 -21.53 11.53
N LEU D 927 11.17 -22.64 11.96
CA LEU D 927 12.48 -22.56 12.60
C LEU D 927 13.55 -22.09 11.63
N ASN D 928 13.51 -22.59 10.39
CA ASN D 928 14.54 -22.27 9.41
C ASN D 928 14.43 -20.83 8.91
N ILE D 929 13.25 -20.20 8.98
CA ILE D 929 13.16 -18.80 8.59
C ILE D 929 13.93 -17.93 9.58
N ALA D 930 13.74 -18.17 10.88
CA ALA D 930 14.50 -17.44 11.89
C ALA D 930 15.98 -17.75 11.76
N ARG D 931 16.33 -19.00 11.50
CA ARG D 931 17.75 -19.33 11.36
C ARG D 931 18.36 -18.67 10.12
N SER D 932 17.56 -18.51 9.05
CA SER D 932 18.02 -17.77 7.88
C SER D 932 18.24 -16.31 8.20
N TRP D 933 17.33 -15.71 8.97
CA TRP D 933 17.53 -14.32 9.37
C TRP D 933 18.80 -14.18 10.19
N LEU D 934 19.08 -15.14 11.06
CA LEU D 934 20.34 -15.14 11.80
C LEU D 934 21.52 -15.29 10.86
N PHE D 935 21.35 -16.09 9.79
CA PHE D 935 22.45 -16.36 8.87
C PHE D 935 22.83 -15.12 8.07
N LEU D 936 21.83 -14.37 7.58
CA LEU D 936 22.12 -13.20 6.74
C LEU D 936 22.95 -12.14 7.47
N ARG D 937 23.15 -12.27 8.78
CA ARG D 937 24.03 -11.37 9.52
C ARG D 937 25.21 -12.11 10.13
N SER D 938 25.60 -13.24 9.56
CA SER D 938 26.76 -13.99 10.00
C SER D 938 27.98 -13.54 9.19
N GLN D 939 29.17 -14.03 9.57
CA GLN D 939 30.40 -13.60 8.93
C GLN D 939 30.69 -14.34 7.64
N GLU D 940 30.11 -15.52 7.42
CA GLU D 940 30.25 -16.22 6.15
C GLU D 940 29.59 -15.41 5.03
N TYR D 941 28.46 -14.77 5.34
CA TYR D 941 27.81 -13.93 4.35
C TYR D 941 28.67 -12.72 4.00
N LYS D 942 29.40 -12.18 4.97
CA LYS D 942 30.28 -11.04 4.69
C LYS D 942 31.40 -11.44 3.73
N LYS D 943 32.02 -12.59 3.94
CA LYS D 943 33.07 -13.02 3.01
C LYS D 943 32.49 -13.39 1.65
N TYR D 944 31.27 -13.93 1.63
CA TYR D 944 30.56 -14.08 0.36
C TYR D 944 30.46 -12.76 -0.38
N GLN D 945 30.06 -11.70 0.32
CA GLN D 945 29.93 -10.40 -0.33
C GLN D 945 31.29 -9.84 -0.75
N THR D 946 32.34 -10.10 0.04
CA THR D 946 33.67 -9.64 -0.34
C THR D 946 34.14 -10.33 -1.62
N ASN D 947 33.88 -11.64 -1.74
CA ASN D 947 34.16 -12.31 -3.00
C ASN D 947 33.30 -11.76 -4.12
N LYS D 948 32.09 -11.30 -3.79
CA LYS D 948 31.27 -10.61 -4.78
C LYS D 948 31.91 -9.29 -5.23
N THR D 949 32.66 -8.63 -4.35
CA THR D 949 33.29 -7.37 -4.73
C THR D 949 34.25 -7.55 -5.89
N THR D 950 35.09 -8.59 -5.84
CA THR D 950 35.92 -8.97 -6.96
C THR D 950 35.10 -9.51 -8.13
N GLY D 951 33.87 -9.93 -7.87
CA GLY D 951 32.98 -10.48 -8.86
C GLY D 951 32.91 -11.98 -8.79
N ASN D 952 31.92 -12.50 -8.07
CA ASN D 952 31.70 -13.93 -7.97
C ASN D 952 30.20 -14.20 -7.98
N THR D 953 29.46 -13.54 -8.87
CA THR D 953 28.02 -13.76 -8.94
C THR D 953 27.74 -15.20 -9.39
N ASP D 954 27.31 -16.01 -8.44
CA ASP D 954 27.11 -17.44 -8.64
C ASP D 954 25.83 -17.86 -7.91
N LYS D 955 25.44 -19.12 -8.09
CA LYS D 955 24.24 -19.63 -7.46
C LYS D 955 24.59 -20.78 -6.51
N ARG D 956 25.56 -21.60 -6.91
CA ARG D 956 25.93 -22.77 -6.13
C ARG D 956 26.65 -22.37 -4.84
N ALA D 957 27.42 -21.28 -4.89
CA ALA D 957 28.17 -20.84 -3.72
C ALA D 957 27.25 -20.47 -2.57
N PHE D 958 26.12 -19.82 -2.88
CA PHE D 958 25.17 -19.46 -1.84
C PHE D 958 24.66 -20.68 -1.09
N VAL D 959 24.25 -21.71 -1.83
CA VAL D 959 23.74 -22.92 -1.20
C VAL D 959 24.84 -23.66 -0.45
N GLU D 960 26.06 -23.64 -0.99
CA GLU D 960 27.18 -24.29 -0.31
C GLU D 960 27.46 -23.62 1.03
N THR D 961 27.48 -22.28 1.06
CA THR D 961 27.67 -21.57 2.32
C THR D 961 26.51 -21.84 3.27
N TRP D 962 25.28 -21.88 2.74
CA TRP D 962 24.13 -22.25 3.55
C TRP D 962 24.35 -23.58 4.25
N GLN D 963 24.70 -24.61 3.49
CA GLN D 963 24.85 -25.95 4.06
C GLN D 963 26.00 -25.99 5.05
N SER D 964 27.14 -25.38 4.71
CA SER D 964 28.30 -25.42 5.59
C SER D 964 28.01 -24.70 6.91
N PHE D 965 27.45 -23.49 6.84
CA PHE D 965 27.14 -22.74 8.04
C PHE D 965 26.12 -23.47 8.91
N TYR D 966 25.07 -24.01 8.29
CA TYR D 966 24.02 -24.65 9.07
C TYR D 966 24.52 -25.95 9.70
N ARG D 967 25.38 -26.68 8.97
CA ARG D 967 26.00 -27.87 9.53
C ARG D 967 26.90 -27.53 10.70
N LYS D 968 27.70 -26.47 10.59
CA LYS D 968 28.54 -26.05 11.70
C LYS D 968 27.70 -25.69 12.92
N LYS D 969 26.61 -24.95 12.70
CA LYS D 969 25.77 -24.54 13.81
C LYS D 969 25.04 -25.73 14.45
N LEU D 970 24.63 -26.71 13.64
CA LEU D 970 24.09 -27.93 14.22
C LEU D 970 25.15 -28.66 15.03
N LYS D 971 26.40 -28.66 14.55
CA LYS D 971 27.48 -29.32 15.27
C LYS D 971 27.72 -28.68 16.64
N GLU D 972 27.74 -27.34 16.69
CA GLU D 972 28.11 -26.68 17.94
C GLU D 972 26.94 -26.54 18.90
N VAL D 973 25.89 -25.81 18.50
CA VAL D 973 24.90 -25.37 19.47
C VAL D 973 23.50 -25.91 19.19
N TRP D 974 23.19 -26.17 17.92
CA TRP D 974 21.84 -26.63 17.56
C TRP D 974 21.78 -28.14 17.67
N LYS D 975 21.61 -28.60 18.90
CA LYS D 975 21.53 -30.04 19.16
C LYS D 975 20.22 -30.58 18.59
N PRO D 976 20.25 -31.64 17.78
CA PRO D 976 19.03 -32.15 17.18
C PRO D 976 18.21 -32.94 18.19
N ALA D 977 16.92 -33.07 17.87
CA ALA D 977 16.01 -33.83 18.72
C ALA D 977 16.14 -35.32 18.43
N VAL D 978 16.35 -36.10 19.47
CA VAL D 978 16.48 -37.56 19.34
C VAL D 978 15.37 -38.26 20.10
#